data_2J6F
# 
_entry.id   2J6F 
# 
_audit_conform.dict_name       mmcif_pdbx.dic 
_audit_conform.dict_version    5.391 
_audit_conform.dict_location   http://mmcif.pdb.org/dictionaries/ascii/mmcif_pdbx.dic 
# 
loop_
_database_2.database_id 
_database_2.database_code 
_database_2.pdbx_database_accession 
_database_2.pdbx_DOI 
PDB   2J6F         pdb_00002j6f 10.2210/pdb2j6f/pdb 
PDBE  EBI-29379    ?            ?                   
WWPDB D_1290029379 ?            ?                   
# 
loop_
_pdbx_audit_revision_history.ordinal 
_pdbx_audit_revision_history.data_content_type 
_pdbx_audit_revision_history.major_revision 
_pdbx_audit_revision_history.minor_revision 
_pdbx_audit_revision_history.revision_date 
1 'Structure model' 1 0 2006-10-11 
2 'Structure model' 1 1 2011-07-13 
3 'Structure model' 2 0 2017-07-05 
4 'Structure model' 2 1 2018-10-24 
5 'Structure model' 2 2 2024-05-08 
# 
_pdbx_audit_revision_details.ordinal             1 
_pdbx_audit_revision_details.revision_ordinal    1 
_pdbx_audit_revision_details.data_content_type   'Structure model' 
_pdbx_audit_revision_details.provider            repository 
_pdbx_audit_revision_details.type                'Initial release' 
_pdbx_audit_revision_details.description         ? 
_pdbx_audit_revision_details.details             ? 
# 
loop_
_pdbx_audit_revision_group.ordinal 
_pdbx_audit_revision_group.revision_ordinal 
_pdbx_audit_revision_group.data_content_type 
_pdbx_audit_revision_group.group 
1  2 'Structure model' Advisory                    
2  2 'Structure model' 'Version format compliance' 
3  3 'Structure model' Advisory                    
4  3 'Structure model' 'Atomic model'              
5  3 'Structure model' 'Data collection'           
6  3 'Structure model' 'Derived calculations'      
7  4 'Structure model' 'Data collection'           
8  4 'Structure model' 'Derived calculations'      
9  5 'Structure model' 'Data collection'           
10 5 'Structure model' 'Database references'       
11 5 'Structure model' Other                       
# 
loop_
_pdbx_audit_revision_category.ordinal 
_pdbx_audit_revision_category.revision_ordinal 
_pdbx_audit_revision_category.data_content_type 
_pdbx_audit_revision_category.category 
1  3 'Structure model' atom_site                  
2  3 'Structure model' diffrn_source              
3  3 'Structure model' pdbx_distant_solvent_atoms 
4  3 'Structure model' pdbx_struct_sheet_hbond    
5  3 'Structure model' struct_conf                
6  3 'Structure model' struct_conn                
7  3 'Structure model' struct_sheet               
8  3 'Structure model' struct_sheet_order         
9  3 'Structure model' struct_sheet_range         
10 4 'Structure model' struct_conn                
11 5 'Structure model' chem_comp_atom             
12 5 'Structure model' chem_comp_bond             
13 5 'Structure model' database_2                 
14 5 'Structure model' pdbx_database_status       
# 
loop_
_pdbx_audit_revision_item.ordinal 
_pdbx_audit_revision_item.revision_ordinal 
_pdbx_audit_revision_item.data_content_type 
_pdbx_audit_revision_item.item 
1  3 'Structure model' '_atom_site.B_iso_or_equiv'                      
2  3 'Structure model' '_atom_site.Cartn_x'                             
3  3 'Structure model' '_atom_site.Cartn_y'                             
4  3 'Structure model' '_atom_site.Cartn_z'                             
5  3 'Structure model' '_atom_site.auth_asym_id'                        
6  3 'Structure model' '_atom_site.auth_seq_id'                         
7  3 'Structure model' '_atom_site.label_asym_id'                       
8  3 'Structure model' '_atom_site.occupancy'                           
9  3 'Structure model' '_diffrn_source.type'                            
10 3 'Structure model' '_pdbx_struct_sheet_hbond.range_1_auth_atom_id'  
11 3 'Structure model' '_pdbx_struct_sheet_hbond.range_1_auth_comp_id'  
12 3 'Structure model' '_pdbx_struct_sheet_hbond.range_1_auth_seq_id'   
13 3 'Structure model' '_pdbx_struct_sheet_hbond.range_1_label_atom_id' 
14 3 'Structure model' '_pdbx_struct_sheet_hbond.range_1_label_comp_id' 
15 3 'Structure model' '_pdbx_struct_sheet_hbond.range_1_label_seq_id'  
16 3 'Structure model' '_pdbx_struct_sheet_hbond.range_2_auth_atom_id'  
17 3 'Structure model' '_pdbx_struct_sheet_hbond.range_2_auth_seq_id'   
18 3 'Structure model' '_pdbx_struct_sheet_hbond.range_2_label_atom_id' 
19 3 'Structure model' '_pdbx_struct_sheet_hbond.range_2_label_seq_id'  
20 3 'Structure model' '_pdbx_struct_sheet_hbond.sheet_id'              
21 3 'Structure model' '_struct_sheet.id'                               
22 3 'Structure model' '_struct_sheet_order.sheet_id'                   
23 3 'Structure model' '_struct_sheet_range.sheet_id'                   
24 5 'Structure model' '_database_2.pdbx_DOI'                           
25 5 'Structure model' '_database_2.pdbx_database_accession'            
26 5 'Structure model' '_pdbx_database_status.status_code_sf'           
# 
_pdbx_database_status.status_code                     REL 
_pdbx_database_status.entry_id                        2J6F 
_pdbx_database_status.deposit_site                    PDBE 
_pdbx_database_status.process_site                    PDBE 
_pdbx_database_status.SG_entry                        . 
_pdbx_database_status.recvd_initial_deposition_date   2006-09-28 
_pdbx_database_status.pdb_format_compatible           Y 
_pdbx_database_status.status_code_sf                  REL 
_pdbx_database_status.status_code_mr                  ? 
_pdbx_database_status.status_code_cs                  ? 
_pdbx_database_status.methods_development_category    ? 
_pdbx_database_status.status_code_nmr_data            ? 
# 
loop_
_pdbx_database_related.db_name 
_pdbx_database_related.db_id 
_pdbx_database_related.content_type 
_pdbx_database_related.details 
PDB 2J6K unspecified 'N-TERMINAL SH3 DOMAIN OF CMS (CD2AP HUMAN HOMOLOG)'                                      
PDB 2J6O unspecified 'ATYPICAL POLYPROLINE RECOGNITION BY THE CMS N-TERMINAL SH3 DOMAIN. CMS:CD2 HETEROTRIMER' 
PDB 2J7I unspecified 'ATYPICAL POLYPROLINE RECOGNITION BY THE CMS N-TERMINAL SH3 DOMAIN.CMS:CD2 HETERODIMER'   
# 
loop_
_audit_author.name 
_audit_author.pdbx_ordinal 
'Moncalian, G.'        1 
'Cardenes, N.'         2 
'Deribe, Y.L.'         3 
'Spinola-Amilibia, M.' 4 
'Dikic, I.'            5 
'Bravo, J.'            6 
# 
_citation.id                        primary 
_citation.title                     'Atypical Polyproline Recognition by the Cms N- Terminal SH3 Domain.' 
_citation.journal_abbrev            J.Biol.Chem. 
_citation.journal_volume            281 
_citation.page_first                38845 
_citation.page_last                 ? 
_citation.year                      2006 
_citation.journal_id_ASTM           JBCHA3 
_citation.country                   US 
_citation.journal_id_ISSN           0021-9258 
_citation.journal_id_CSD            0071 
_citation.book_publisher            ? 
_citation.pdbx_database_id_PubMed   17020880 
_citation.pdbx_database_id_DOI      10.1074/JBC.M606411200 
# 
loop_
_citation_author.citation_id 
_citation_author.name 
_citation_author.ordinal 
_citation_author.identifier_ORCID 
primary 'Moncalian, G.'        1 ? 
primary 'Cardenes, N.'         2 ? 
primary 'Deribe, Y.L.'         3 ? 
primary 'Spinola-Amilibia, M.' 4 ? 
primary 'Dikic, I.'            5 ? 
primary 'Bravo, J.'            6 ? 
# 
loop_
_entity.id 
_entity.type 
_entity.src_method 
_entity.pdbx_description 
_entity.formula_weight 
_entity.pdbx_number_of_molecules 
_entity.pdbx_ec 
_entity.pdbx_mutation 
_entity.pdbx_fragment 
_entity.details 
1 polymer man 'CD2-ASSOCIATED PROTEIN'            7412.285 1  ?       ? 'SH3, RESIDUES 1-62'        
'N-TERMINAL SH3 DOMAIN (SH3A) OF CD2- ASSOCIATED PROTEIN (CD2AP)OR CAS LIGAND WITH MULTIPLE SRC HOMOLOGY 3 DOMAINS (CMS)' 
2 polymer syn 'E3 UBIQUITIN-PROTEIN LIGASE CBL-B' 1332.622 1  6.3.2.- ? 'PEPTIDE, RESIDUES 902-912' 
'A.A. 902 TO 912 FROM CAS-BR-M (MURINE) ECTROPIC RETROVIRAL TRANSFORMING SEQUENCE B (CBL-B)'                              
3 water   nat water                               18.015   60 ?       ? ?                           ? 
# 
loop_
_entity_name_com.entity_id 
_entity_name_com.name 
1 'CAS LIGAND WITH MULTIPLE SH3 DOMAINS, ADAPTER PROTEIN CMS' 
2 
;CAS-BR-M MURINE ECTROPIC RETROVIRAL TRANSFORMING SEQUENCE B, CBL-B, SIGNAL TRANSDUCTION PROTEIN CBL-B, SH3-BINDING PROTEIN CBL-B, CASITAS B-LINEAGE LYMPHOMA PROTO-ONCOGENE B, RING FINGER PROTEIN 56
;
# 
loop_
_entity_poly.entity_id 
_entity_poly.type 
_entity_poly.nstd_linkage 
_entity_poly.nstd_monomer 
_entity_poly.pdbx_seq_one_letter_code 
_entity_poly.pdbx_seq_one_letter_code_can 
_entity_poly.pdbx_strand_id 
_entity_poly.pdbx_target_identifier 
1 'polypeptide(L)' no no MVDYIVEYDYDAVHDDELTIRVGEIIRNVKKLQEEGWLEGELNGRRGMFPDNFVKEIKRETE 
MVDYIVEYDYDAVHDDELTIRVGEIIRNVKKLQEEGWLEGELNGRRGMFPDNFVKEIKRETE A ? 
2 'polypeptide(L)' no no PARPPKPRPRR                                                    PARPPKPRPRR C ? 
# 
_pdbx_entity_nonpoly.entity_id   3 
_pdbx_entity_nonpoly.name        water 
_pdbx_entity_nonpoly.comp_id     HOH 
# 
loop_
_entity_poly_seq.entity_id 
_entity_poly_seq.num 
_entity_poly_seq.mon_id 
_entity_poly_seq.hetero 
1 1  MET n 
1 2  VAL n 
1 3  ASP n 
1 4  TYR n 
1 5  ILE n 
1 6  VAL n 
1 7  GLU n 
1 8  TYR n 
1 9  ASP n 
1 10 TYR n 
1 11 ASP n 
1 12 ALA n 
1 13 VAL n 
1 14 HIS n 
1 15 ASP n 
1 16 ASP n 
1 17 GLU n 
1 18 LEU n 
1 19 THR n 
1 20 ILE n 
1 21 ARG n 
1 22 VAL n 
1 23 GLY n 
1 24 GLU n 
1 25 ILE n 
1 26 ILE n 
1 27 ARG n 
1 28 ASN n 
1 29 VAL n 
1 30 LYS n 
1 31 LYS n 
1 32 LEU n 
1 33 GLN n 
1 34 GLU n 
1 35 GLU n 
1 36 GLY n 
1 37 TRP n 
1 38 LEU n 
1 39 GLU n 
1 40 GLY n 
1 41 GLU n 
1 42 LEU n 
1 43 ASN n 
1 44 GLY n 
1 45 ARG n 
1 46 ARG n 
1 47 GLY n 
1 48 MET n 
1 49 PHE n 
1 50 PRO n 
1 51 ASP n 
1 52 ASN n 
1 53 PHE n 
1 54 VAL n 
1 55 LYS n 
1 56 GLU n 
1 57 ILE n 
1 58 LYS n 
1 59 ARG n 
1 60 GLU n 
1 61 THR n 
1 62 GLU n 
2 1  PRO n 
2 2  ALA n 
2 3  ARG n 
2 4  PRO n 
2 5  PRO n 
2 6  LYS n 
2 7  PRO n 
2 8  ARG n 
2 9  PRO n 
2 10 ARG n 
2 11 ARG n 
# 
_entity_src_gen.entity_id                          1 
_entity_src_gen.pdbx_src_id                        1 
_entity_src_gen.pdbx_alt_source_flag               sample 
_entity_src_gen.pdbx_seq_type                      ? 
_entity_src_gen.pdbx_beg_seq_num                   ? 
_entity_src_gen.pdbx_end_seq_num                   ? 
_entity_src_gen.gene_src_common_name               HUMAN 
_entity_src_gen.gene_src_genus                     ? 
_entity_src_gen.pdbx_gene_src_gene                 ? 
_entity_src_gen.gene_src_species                   ? 
_entity_src_gen.gene_src_strain                    ? 
_entity_src_gen.gene_src_tissue                    ? 
_entity_src_gen.gene_src_tissue_fraction           ? 
_entity_src_gen.gene_src_details                   ? 
_entity_src_gen.pdbx_gene_src_fragment             ? 
_entity_src_gen.pdbx_gene_src_scientific_name      'HOMO SAPIENS' 
_entity_src_gen.pdbx_gene_src_ncbi_taxonomy_id     9606 
_entity_src_gen.pdbx_gene_src_variant              ? 
_entity_src_gen.pdbx_gene_src_cell_line            ? 
_entity_src_gen.pdbx_gene_src_atcc                 ? 
_entity_src_gen.pdbx_gene_src_organ                ? 
_entity_src_gen.pdbx_gene_src_organelle            ? 
_entity_src_gen.pdbx_gene_src_cell                 ? 
_entity_src_gen.pdbx_gene_src_cellular_location    ? 
_entity_src_gen.host_org_common_name               ? 
_entity_src_gen.pdbx_host_org_scientific_name      'ESCHERICHIA COLI' 
_entity_src_gen.pdbx_host_org_ncbi_taxonomy_id     562 
_entity_src_gen.host_org_genus                     ? 
_entity_src_gen.pdbx_host_org_gene                 ? 
_entity_src_gen.pdbx_host_org_organ                ? 
_entity_src_gen.host_org_species                   ? 
_entity_src_gen.pdbx_host_org_tissue               ? 
_entity_src_gen.pdbx_host_org_tissue_fraction      ? 
_entity_src_gen.pdbx_host_org_strain               'ROSETTA (DE3) PLYS' 
_entity_src_gen.pdbx_host_org_variant              ? 
_entity_src_gen.pdbx_host_org_cell_line            ? 
_entity_src_gen.pdbx_host_org_atcc                 ? 
_entity_src_gen.pdbx_host_org_culture_collection   ? 
_entity_src_gen.pdbx_host_org_cell                 ? 
_entity_src_gen.pdbx_host_org_organelle            ? 
_entity_src_gen.pdbx_host_org_cellular_location    ? 
_entity_src_gen.pdbx_host_org_vector_type          ? 
_entity_src_gen.pdbx_host_org_vector               ? 
_entity_src_gen.host_org_details                   ? 
_entity_src_gen.expression_system_id               ? 
_entity_src_gen.plasmid_name                       PET21A 
_entity_src_gen.plasmid_details                    ? 
_entity_src_gen.pdbx_description                   ? 
# 
_pdbx_entity_src_syn.entity_id              2 
_pdbx_entity_src_syn.pdbx_src_id            1 
_pdbx_entity_src_syn.pdbx_alt_source_flag   sample 
_pdbx_entity_src_syn.pdbx_beg_seq_num       ? 
_pdbx_entity_src_syn.pdbx_end_seq_num       ? 
_pdbx_entity_src_syn.organism_scientific    'HOMO SAPIENS' 
_pdbx_entity_src_syn.organism_common_name   HUMAN 
_pdbx_entity_src_syn.ncbi_taxonomy_id       9606 
_pdbx_entity_src_syn.details                ? 
# 
loop_
_chem_comp.id 
_chem_comp.type 
_chem_comp.mon_nstd_flag 
_chem_comp.name 
_chem_comp.pdbx_synonyms 
_chem_comp.formula 
_chem_comp.formula_weight 
ALA 'L-peptide linking' y ALANINE         ? 'C3 H7 N O2'     89.093  
ARG 'L-peptide linking' y ARGININE        ? 'C6 H15 N4 O2 1' 175.209 
ASN 'L-peptide linking' y ASPARAGINE      ? 'C4 H8 N2 O3'    132.118 
ASP 'L-peptide linking' y 'ASPARTIC ACID' ? 'C4 H7 N O4'     133.103 
GLN 'L-peptide linking' y GLUTAMINE       ? 'C5 H10 N2 O3'   146.144 
GLU 'L-peptide linking' y 'GLUTAMIC ACID' ? 'C5 H9 N O4'     147.129 
GLY 'peptide linking'   y GLYCINE         ? 'C2 H5 N O2'     75.067  
HIS 'L-peptide linking' y HISTIDINE       ? 'C6 H10 N3 O2 1' 156.162 
HOH non-polymer         . WATER           ? 'H2 O'           18.015  
ILE 'L-peptide linking' y ISOLEUCINE      ? 'C6 H13 N O2'    131.173 
LEU 'L-peptide linking' y LEUCINE         ? 'C6 H13 N O2'    131.173 
LYS 'L-peptide linking' y LYSINE          ? 'C6 H15 N2 O2 1' 147.195 
MET 'L-peptide linking' y METHIONINE      ? 'C5 H11 N O2 S'  149.211 
PHE 'L-peptide linking' y PHENYLALANINE   ? 'C9 H11 N O2'    165.189 
PRO 'L-peptide linking' y PROLINE         ? 'C5 H9 N O2'     115.130 
THR 'L-peptide linking' y THREONINE       ? 'C4 H9 N O3'     119.119 
TRP 'L-peptide linking' y TRYPTOPHAN      ? 'C11 H12 N2 O2'  204.225 
TYR 'L-peptide linking' y TYROSINE        ? 'C9 H11 N O3'    181.189 
VAL 'L-peptide linking' y VALINE          ? 'C5 H11 N O2'    117.146 
# 
loop_
_pdbx_poly_seq_scheme.asym_id 
_pdbx_poly_seq_scheme.entity_id 
_pdbx_poly_seq_scheme.seq_id 
_pdbx_poly_seq_scheme.mon_id 
_pdbx_poly_seq_scheme.ndb_seq_num 
_pdbx_poly_seq_scheme.pdb_seq_num 
_pdbx_poly_seq_scheme.auth_seq_num 
_pdbx_poly_seq_scheme.pdb_mon_id 
_pdbx_poly_seq_scheme.auth_mon_id 
_pdbx_poly_seq_scheme.pdb_strand_id 
_pdbx_poly_seq_scheme.pdb_ins_code 
_pdbx_poly_seq_scheme.hetero 
A 1 1  MET 1  1   ?   ?   ?   A . n 
A 1 2  VAL 2  2   2   VAL VAL A . n 
A 1 3  ASP 3  3   3   ASP ASP A . n 
A 1 4  TYR 4  4   4   TYR TYR A . n 
A 1 5  ILE 5  5   5   ILE ILE A . n 
A 1 6  VAL 6  6   6   VAL VAL A . n 
A 1 7  GLU 7  7   7   GLU GLU A . n 
A 1 8  TYR 8  8   8   TYR TYR A . n 
A 1 9  ASP 9  9   9   ASP ASP A . n 
A 1 10 TYR 10 10  10  TYR TYR A . n 
A 1 11 ASP 11 11  11  ASP ASP A . n 
A 1 12 ALA 12 12  12  ALA ALA A . n 
A 1 13 VAL 13 13  13  VAL VAL A . n 
A 1 14 HIS 14 14  14  HIS HIS A . n 
A 1 15 ASP 15 15  15  ASP ASP A . n 
A 1 16 ASP 16 16  16  ASP ASP A . n 
A 1 17 GLU 17 17  17  GLU GLU A . n 
A 1 18 LEU 18 18  18  LEU LEU A . n 
A 1 19 THR 19 19  19  THR THR A . n 
A 1 20 ILE 20 20  20  ILE ILE A . n 
A 1 21 ARG 21 21  21  ARG ARG A . n 
A 1 22 VAL 22 22  22  VAL VAL A . n 
A 1 23 GLY 23 23  23  GLY GLY A . n 
A 1 24 GLU 24 24  24  GLU GLU A . n 
A 1 25 ILE 25 25  25  ILE ILE A . n 
A 1 26 ILE 26 26  26  ILE ILE A . n 
A 1 27 ARG 27 27  27  ARG ARG A . n 
A 1 28 ASN 28 28  28  ASN ASN A . n 
A 1 29 VAL 29 29  29  VAL VAL A . n 
A 1 30 LYS 30 30  30  LYS LYS A . n 
A 1 31 LYS 31 31  31  LYS LYS A . n 
A 1 32 LEU 32 32  32  LEU LEU A . n 
A 1 33 GLN 33 33  33  GLN GLN A . n 
A 1 34 GLU 34 34  34  GLU GLU A . n 
A 1 35 GLU 35 35  35  GLU GLU A . n 
A 1 36 GLY 36 36  36  GLY GLY A . n 
A 1 37 TRP 37 37  37  TRP TRP A . n 
A 1 38 LEU 38 38  38  LEU LEU A . n 
A 1 39 GLU 39 39  39  GLU GLU A . n 
A 1 40 GLY 40 40  40  GLY GLY A . n 
A 1 41 GLU 41 41  41  GLU GLU A . n 
A 1 42 LEU 42 42  42  LEU LEU A . n 
A 1 43 ASN 43 43  43  ASN ASN A . n 
A 1 44 GLY 44 44  44  GLY GLY A . n 
A 1 45 ARG 45 45  45  ARG ARG A . n 
A 1 46 ARG 46 46  46  ARG ARG A . n 
A 1 47 GLY 47 47  47  GLY GLY A . n 
A 1 48 MET 48 48  48  MET MET A . n 
A 1 49 PHE 49 49  49  PHE PHE A . n 
A 1 50 PRO 50 50  50  PRO PRO A . n 
A 1 51 ASP 51 51  51  ASP ASP A . n 
A 1 52 ASN 52 52  52  ASN ASN A . n 
A 1 53 PHE 53 53  53  PHE PHE A . n 
A 1 54 VAL 54 54  54  VAL VAL A . n 
A 1 55 LYS 55 55  55  LYS LYS A . n 
A 1 56 GLU 56 56  56  GLU GLU A . n 
A 1 57 ILE 57 57  57  ILE ILE A . n 
A 1 58 LYS 58 58  58  LYS LYS A . n 
A 1 59 ARG 59 59  59  ARG ARG A . n 
A 1 60 GLU 60 60  ?   ?   ?   A . n 
A 1 61 THR 61 61  ?   ?   ?   A . n 
A 1 62 GLU 62 62  ?   ?   ?   A . n 
B 2 1  PRO 1  902 ?   ?   ?   C . n 
B 2 2  ALA 2  903 ?   ?   ?   C . n 
B 2 3  ARG 3  904 ?   ?   ?   C . n 
B 2 4  PRO 4  905 905 PRO PRO C . n 
B 2 5  PRO 5  906 906 PRO PRO C . n 
B 2 6  LYS 6  907 907 LYS LYS C . n 
B 2 7  PRO 7  908 908 PRO PRO C . n 
B 2 8  ARG 8  909 909 ARG ARG C . n 
B 2 9  PRO 9  910 910 PRO PRO C . n 
B 2 10 ARG 10 911 911 ARG ARG C . n 
B 2 11 ARG 11 912 912 ARG ARG C . n 
# 
loop_
_pdbx_nonpoly_scheme.asym_id 
_pdbx_nonpoly_scheme.entity_id 
_pdbx_nonpoly_scheme.mon_id 
_pdbx_nonpoly_scheme.ndb_seq_num 
_pdbx_nonpoly_scheme.pdb_seq_num 
_pdbx_nonpoly_scheme.auth_seq_num 
_pdbx_nonpoly_scheme.pdb_mon_id 
_pdbx_nonpoly_scheme.auth_mon_id 
_pdbx_nonpoly_scheme.pdb_strand_id 
_pdbx_nonpoly_scheme.pdb_ins_code 
C 3 HOH 1  101  2040 HOH HOH A . 
C 3 HOH 2  102  2013 HOH HOH A . 
C 3 HOH 3  103  2039 HOH HOH A . 
C 3 HOH 4  104  2014 HOH HOH A . 
C 3 HOH 5  105  2042 HOH HOH A . 
C 3 HOH 6  106  2036 HOH HOH A . 
C 3 HOH 7  107  2027 HOH HOH A . 
C 3 HOH 8  108  2024 HOH HOH A . 
C 3 HOH 9  109  2041 HOH HOH A . 
C 3 HOH 10 110  2031 HOH HOH A . 
C 3 HOH 11 111  2053 HOH HOH A . 
C 3 HOH 12 112  2037 HOH HOH A . 
C 3 HOH 13 113  2033 HOH HOH A . 
C 3 HOH 14 114  2015 HOH HOH A . 
C 3 HOH 15 115  2047 HOH HOH A . 
C 3 HOH 16 116  2017 HOH HOH A . 
C 3 HOH 17 117  2002 HOH HOH A . 
C 3 HOH 18 118  2022 HOH HOH A . 
C 3 HOH 19 119  2008 HOH HOH A . 
C 3 HOH 20 120  2054 HOH HOH A . 
C 3 HOH 21 121  2051 HOH HOH A . 
C 3 HOH 22 122  2032 HOH HOH A . 
C 3 HOH 23 123  2003 HOH HOH A . 
C 3 HOH 24 124  2035 HOH HOH A . 
C 3 HOH 25 125  2026 HOH HOH A . 
C 3 HOH 26 126  2038 HOH HOH A . 
C 3 HOH 27 127  2011 HOH HOH A . 
C 3 HOH 28 128  2052 HOH HOH A . 
C 3 HOH 29 129  2050 HOH HOH A . 
C 3 HOH 30 130  2025 HOH HOH A . 
C 3 HOH 31 131  2001 HOH HOH A . 
C 3 HOH 32 132  2007 HOH HOH A . 
C 3 HOH 33 133  2012 HOH HOH A . 
C 3 HOH 34 134  2029 HOH HOH A . 
C 3 HOH 35 135  2009 HOH HOH A . 
C 3 HOH 36 136  2049 HOH HOH A . 
C 3 HOH 37 137  2046 HOH HOH A . 
C 3 HOH 38 138  2048 HOH HOH A . 
C 3 HOH 39 139  2030 HOH HOH A . 
C 3 HOH 40 140  2043 HOH HOH A . 
C 3 HOH 41 141  2034 HOH HOH A . 
C 3 HOH 42 142  2016 HOH HOH A . 
C 3 HOH 43 143  2045 HOH HOH A . 
C 3 HOH 44 144  2044 HOH HOH A . 
C 3 HOH 45 145  2019 HOH HOH A . 
C 3 HOH 46 146  2028 HOH HOH A . 
C 3 HOH 47 147  2010 HOH HOH A . 
C 3 HOH 48 148  2021 HOH HOH A . 
C 3 HOH 49 149  2005 HOH HOH A . 
C 3 HOH 50 150  2004 HOH HOH A . 
C 3 HOH 51 151  2018 HOH HOH A . 
C 3 HOH 52 152  2006 HOH HOH A . 
C 3 HOH 53 153  2020 HOH HOH A . 
D 3 HOH 1  1001 2005 HOH HOH C . 
D 3 HOH 2  1002 2006 HOH HOH C . 
D 3 HOH 3  1003 2002 HOH HOH C . 
D 3 HOH 4  1004 2003 HOH HOH C . 
D 3 HOH 5  1005 2001 HOH HOH C . 
D 3 HOH 6  1006 2004 HOH HOH C . 
D 3 HOH 7  1007 2023 HOH HOH C . 
# 
loop_
_pdbx_unobs_or_zero_occ_atoms.id 
_pdbx_unobs_or_zero_occ_atoms.PDB_model_num 
_pdbx_unobs_or_zero_occ_atoms.polymer_flag 
_pdbx_unobs_or_zero_occ_atoms.occupancy_flag 
_pdbx_unobs_or_zero_occ_atoms.auth_asym_id 
_pdbx_unobs_or_zero_occ_atoms.auth_comp_id 
_pdbx_unobs_or_zero_occ_atoms.auth_seq_id 
_pdbx_unobs_or_zero_occ_atoms.PDB_ins_code 
_pdbx_unobs_or_zero_occ_atoms.auth_atom_id 
_pdbx_unobs_or_zero_occ_atoms.label_alt_id 
_pdbx_unobs_or_zero_occ_atoms.label_asym_id 
_pdbx_unobs_or_zero_occ_atoms.label_comp_id 
_pdbx_unobs_or_zero_occ_atoms.label_seq_id 
_pdbx_unobs_or_zero_occ_atoms.label_atom_id 
1  1 Y 1 A ARG 59 ? CA  ? A ARG 59 CA  
2  1 Y 1 A ARG 59 ? C   ? A ARG 59 C   
3  1 Y 1 A ARG 59 ? O   ? A ARG 59 O   
4  1 Y 1 A ARG 59 ? CB  ? A ARG 59 CB  
5  1 Y 1 A ARG 59 ? CG  ? A ARG 59 CG  
6  1 Y 1 A ARG 59 ? CD  ? A ARG 59 CD  
7  1 Y 1 A ARG 59 ? NE  ? A ARG 59 NE  
8  1 Y 1 A ARG 59 ? CZ  ? A ARG 59 CZ  
9  1 Y 1 A ARG 59 ? NH1 ? A ARG 59 NH1 
10 1 Y 1 A ARG 59 ? NH2 ? A ARG 59 NH2 
# 
loop_
_software.name 
_software.classification 
_software.version 
_software.citation_id 
_software.pdbx_ordinal 
REFMAC    refinement       5.2.0019 ? 1 
DENZO     'data reduction' .        ? 2 
SCALEPACK 'data scaling'   .        ? 3 
AMoRE     phasing          .        ? 4 
# 
_cell.entry_id           2J6F 
_cell.length_a           66.510 
_cell.length_b           66.510 
_cell.length_c           67.779 
_cell.angle_alpha        90.00 
_cell.angle_beta         90.00 
_cell.angle_gamma        90.00 
_cell.Z_PDB              16 
_cell.pdbx_unique_axis   ? 
# 
_symmetry.entry_id                         2J6F 
_symmetry.space_group_name_H-M             'I 4 2 2' 
_symmetry.pdbx_full_space_group_name_H-M   ? 
_symmetry.cell_setting                     ? 
_symmetry.Int_Tables_number                97 
# 
_exptl.entry_id          2J6F 
_exptl.method            'X-RAY DIFFRACTION' 
_exptl.crystals_number   1 
# 
_exptl_crystal.id                    1 
_exptl_crystal.density_meas          ? 
_exptl_crystal.density_Matthews      2.25 
_exptl_crystal.density_percent_sol   45.39 
_exptl_crystal.description           ? 
# 
_exptl_crystal_grow.crystal_id      1 
_exptl_crystal_grow.method          ? 
_exptl_crystal_grow.temp            ? 
_exptl_crystal_grow.temp_details    ? 
_exptl_crystal_grow.pH              5.50 
_exptl_crystal_grow.pdbx_pH_range   ? 
_exptl_crystal_grow.pdbx_details    '20% PEG3000, 0.1M ACETATE PH 5.5' 
# 
_diffrn.id                     1 
_diffrn.ambient_temp           110.0 
_diffrn.ambient_temp_details   ? 
_diffrn.crystal_id             1 
# 
_diffrn_detector.diffrn_id              1 
_diffrn_detector.detector               'IMAGE PLATE' 
_diffrn_detector.type                   MARRESEARCH 
_diffrn_detector.pdbx_collection_date   2004-04-02 
_diffrn_detector.details                MIRRORS 
# 
_diffrn_radiation.diffrn_id                        1 
_diffrn_radiation.wavelength_id                    1 
_diffrn_radiation.pdbx_monochromatic_or_laue_m_l   M 
_diffrn_radiation.monochromator                    ? 
_diffrn_radiation.pdbx_diffrn_protocol             'SINGLE WAVELENGTH' 
_diffrn_radiation.pdbx_scattering_type             x-ray 
# 
_diffrn_radiation_wavelength.id           1 
_diffrn_radiation_wavelength.wavelength   1.54179 
_diffrn_radiation_wavelength.wt           1.0 
# 
_diffrn_source.diffrn_id                   1 
_diffrn_source.source                      'ROTATING ANODE' 
_diffrn_source.type                        'ENRAF-NONIUS FR591' 
_diffrn_source.pdbx_synchrotron_site       ? 
_diffrn_source.pdbx_synchrotron_beamline   ? 
_diffrn_source.pdbx_wavelength             1.54179 
_diffrn_source.pdbx_wavelength_list        ? 
# 
_reflns.pdbx_diffrn_id               1 
_reflns.pdbx_ordinal                 1 
_reflns.entry_id                     2J6F 
_reflns.observed_criterion_sigma_I   3.000 
_reflns.observed_criterion_sigma_F   ? 
_reflns.d_resolution_low             20.000 
_reflns.d_resolution_high            1.700 
_reflns.number_obs                   8678 
_reflns.number_all                   ? 
_reflns.percent_possible_obs         99.9 
_reflns.pdbx_Rmerge_I_obs            0.03000 
_reflns.pdbx_Rsym_value              ? 
_reflns.pdbx_netI_over_sigmaI        20.9000 
_reflns.B_iso_Wilson_estimate        33.00 
_reflns.pdbx_redundancy              12.330 
# 
_reflns_shell.pdbx_diffrn_id         1 
_reflns_shell.pdbx_ordinal           1 
_reflns_shell.d_res_high             1.70 
_reflns_shell.d_res_low              1.76 
_reflns_shell.percent_possible_all   100.0 
_reflns_shell.Rmerge_I_obs           0.27000 
_reflns_shell.pdbx_Rsym_value        ? 
_reflns_shell.meanI_over_sigI_obs    6.900 
_reflns_shell.pdbx_redundancy        ? 
# 
_refine.pdbx_refine_id                           'X-RAY DIFFRACTION' 
_refine.entry_id                                 2J6F 
_refine.pdbx_diffrn_id                           1 
_refine.pdbx_TLS_residual_ADP_flag               'LIKELY RESIDUAL' 
_refine.ls_number_reflns_obs                     8557 
_refine.ls_number_reflns_all                     ? 
_refine.pdbx_ls_sigma_I                          ? 
_refine.pdbx_ls_sigma_F                          0.000 
_refine.pdbx_data_cutoff_high_absF               ? 
_refine.pdbx_data_cutoff_low_absF                ? 
_refine.pdbx_data_cutoff_high_rms_absF           ? 
_refine.ls_d_res_low                             19.32 
_refine.ls_d_res_high                            1.70 
_refine.ls_percent_reflns_obs                    98.3 
_refine.ls_R_factor_obs                          0.192 
_refine.ls_R_factor_all                          ? 
_refine.ls_R_factor_R_work                       0.190 
_refine.ls_R_factor_R_free                       0.218 
_refine.ls_R_factor_R_free_error                 ? 
_refine.ls_R_factor_R_free_error_details         ? 
_refine.ls_percent_reflns_R_free                 5.440 
_refine.ls_number_reflns_R_free                  465 
_refine.ls_number_parameters                     ? 
_refine.ls_number_restraints                     ? 
_refine.occupancy_min                            ? 
_refine.occupancy_max                            ? 
_refine.correlation_coeff_Fo_to_Fc               0.957 
_refine.correlation_coeff_Fo_to_Fc_free          0.942 
_refine.B_iso_mean                               31.13 
_refine.aniso_B[1][1]                            -0.37400 
_refine.aniso_B[2][2]                            -0.37400 
_refine.aniso_B[3][3]                            0.74900 
_refine.aniso_B[1][2]                            0.00000 
_refine.aniso_B[1][3]                            0.00000 
_refine.aniso_B[2][3]                            0.00000 
_refine.solvent_model_details                    'BABINET MODEL PLUS MASK' 
_refine.solvent_model_param_ksol                 ? 
_refine.solvent_model_param_bsol                 ? 
_refine.pdbx_solvent_vdw_probe_radii             1.40 
_refine.pdbx_solvent_ion_probe_radii             0.80 
_refine.pdbx_solvent_shrinkage_radii             0.80 
_refine.pdbx_ls_cross_valid_method               THROUGHOUT 
_refine.details                                  
;HYDROGENS HAVE BEEN ADDED IN THE RIDING POSITIONS.REFINENEMENT WAS INITIATED WITH CNS V1.1 AND PURSUED WITH REFMAC 5 DISORDERED ATOMS IN SIDE CHAIN S WHERE GIVEN AN OCCUPANCY CG LYS A 31, CD LYS A 31, CE LYS A 31, NZ LYS A 31, CD GLU A 39, OE1 GLU A 39, OE2 GLU A 39, CE BMET A 48
;
_refine.pdbx_starting_model                      ? 
_refine.pdbx_method_to_determine_struct          'MOLECULAR REPLACEMENT' 
_refine.pdbx_isotropic_thermal_model             ? 
_refine.pdbx_stereochemistry_target_values       'MAXIMUM LIKELIHOOD' 
_refine.pdbx_stereochem_target_val_spec_case     ? 
_refine.pdbx_R_Free_selection_details            RANDOM 
_refine.pdbx_overall_ESU_R                       0.112 
_refine.pdbx_overall_ESU_R_Free                  0.107 
_refine.overall_SU_ML                            0.070 
_refine.pdbx_overall_phase_error                 ? 
_refine.overall_SU_B                             4.084 
_refine.overall_SU_R_Cruickshank_DPI             ? 
_refine.pdbx_overall_SU_R_free_Cruickshank_DPI   ? 
_refine.pdbx_overall_SU_R_Blow_DPI               ? 
_refine.pdbx_overall_SU_R_free_Blow_DPI          ? 
# 
_refine_hist.pdbx_refine_id                   'X-RAY DIFFRACTION' 
_refine_hist.cycle_id                         LAST 
_refine_hist.pdbx_number_atoms_protein        548 
_refine_hist.pdbx_number_atoms_nucleic_acid   0 
_refine_hist.pdbx_number_atoms_ligand         0 
_refine_hist.number_atoms_solvent             60 
_refine_hist.number_atoms_total               608 
_refine_hist.d_res_high                       1.70 
_refine_hist.d_res_low                        19.32 
# 
loop_
_refine_ls_restr.type 
_refine_ls_restr.dev_ideal 
_refine_ls_restr.dev_ideal_target 
_refine_ls_restr.weight 
_refine_ls_restr.number 
_refine_ls_restr.pdbx_refine_id 
_refine_ls_restr.pdbx_restraint_function 
r_bond_refined_d             0.012  0.022  ? 598 'X-RAY DIFFRACTION' ? 
r_bond_other_d               ?      ?      ? ?   'X-RAY DIFFRACTION' ? 
r_angle_refined_deg          1.379  1.989  ? 814 'X-RAY DIFFRACTION' ? 
r_angle_other_deg            ?      ?      ? ?   'X-RAY DIFFRACTION' ? 
r_dihedral_angle_1_deg       5.691  5.000  ? 74  'X-RAY DIFFRACTION' ? 
r_dihedral_angle_2_deg       24.503 24.000 ? 35  'X-RAY DIFFRACTION' ? 
r_dihedral_angle_3_deg       13.217 15.000 ? 116 'X-RAY DIFFRACTION' ? 
r_dihedral_angle_4_deg       18.562 15.000 ? 7   'X-RAY DIFFRACTION' ? 
r_chiral_restr               0.102  0.200  ? 84  'X-RAY DIFFRACTION' ? 
r_gen_planes_refined         0.006  0.020  ? 473 'X-RAY DIFFRACTION' ? 
r_gen_planes_other           ?      ?      ? ?   'X-RAY DIFFRACTION' ? 
r_nbd_refined                0.210  0.200  ? 242 'X-RAY DIFFRACTION' ? 
r_nbd_other                  ?      ?      ? ?   'X-RAY DIFFRACTION' ? 
r_nbtor_refined              0.316  0.200  ? 380 'X-RAY DIFFRACTION' ? 
r_nbtor_other                ?      ?      ? ?   'X-RAY DIFFRACTION' ? 
r_xyhbond_nbd_refined        0.128  0.200  ? 41  'X-RAY DIFFRACTION' ? 
r_xyhbond_nbd_other          ?      ?      ? ?   'X-RAY DIFFRACTION' ? 
r_metal_ion_refined          ?      ?      ? ?   'X-RAY DIFFRACTION' ? 
r_metal_ion_other            ?      ?      ? ?   'X-RAY DIFFRACTION' ? 
r_symmetry_vdw_refined       0.237  0.200  ? 37  'X-RAY DIFFRACTION' ? 
r_symmetry_vdw_other         ?      ?      ? ?   'X-RAY DIFFRACTION' ? 
r_symmetry_hbond_refined     0.233  0.200  ? 15  'X-RAY DIFFRACTION' ? 
r_symmetry_hbond_other       ?      ?      ? ?   'X-RAY DIFFRACTION' ? 
r_symmetry_metal_ion_refined ?      ?      ? ?   'X-RAY DIFFRACTION' ? 
r_symmetry_metal_ion_other   ?      ?      ? ?   'X-RAY DIFFRACTION' ? 
r_mcbond_it                  1.629  3.000  ? 355 'X-RAY DIFFRACTION' ? 
r_mcbond_other               ?      ?      ? ?   'X-RAY DIFFRACTION' ? 
r_mcangle_it                 2.357  4.000  ? 566 'X-RAY DIFFRACTION' ? 
r_mcangle_other              ?      ?      ? ?   'X-RAY DIFFRACTION' ? 
r_scbond_it                  2.579  4.000  ? 275 'X-RAY DIFFRACTION' ? 
r_scbond_other               ?      ?      ? ?   'X-RAY DIFFRACTION' ? 
r_scangle_it                 3.731  6.000  ? 242 'X-RAY DIFFRACTION' ? 
r_scangle_other              ?      ?      ? ?   'X-RAY DIFFRACTION' ? 
r_long_range_B_refined       ?      ?      ? ?   'X-RAY DIFFRACTION' ? 
r_long_range_B_other         ?      ?      ? ?   'X-RAY DIFFRACTION' ? 
r_rigid_bond_restr           ?      ?      ? ?   'X-RAY DIFFRACTION' ? 
r_sphericity_free            ?      ?      ? ?   'X-RAY DIFFRACTION' ? 
r_sphericity_bonded          ?      ?      ? ?   'X-RAY DIFFRACTION' ? 
# 
_refine_ls_shell.pdbx_refine_id                   'X-RAY DIFFRACTION' 
_refine_ls_shell.pdbx_total_number_of_bins_used   20 
_refine_ls_shell.d_res_high                       7.09 
_refine_ls_shell.d_res_low                        19.32 
_refine_ls_shell.number_reflns_R_work             126 
_refine_ls_shell.R_factor_R_work                  0.3090 
_refine_ls_shell.percent_reflns_obs               ? 
_refine_ls_shell.R_factor_R_free                  0.2480 
_refine_ls_shell.R_factor_R_free_error            ? 
_refine_ls_shell.percent_reflns_R_free            ? 
_refine_ls_shell.number_reflns_R_free             11 
_refine_ls_shell.number_reflns_all                ? 
_refine_ls_shell.R_factor_all                     ? 
# 
_struct.entry_id                  2J6F 
_struct.title                     'N-TERMINAL SH3 DOMAIN OF CMS (CD2AP HUMAN HOMOLOG) BOUND TO CBL-B PEPTIDE' 
_struct.pdbx_model_details        ? 
_struct.pdbx_CASP_flag            ? 
_struct.pdbx_model_type_details   ? 
# 
_struct_keywords.entry_id        2J6F 
_struct_keywords.pdbx_keywords   'PROTEIN BINDING' 
_struct_keywords.text            
;METAL-BINDING, IMMUNE RESPONSE, SH3, LIGASE, SH2 DOMAIN, SH3 DOMAIN, ZINC-FINGER, SH3- BINDING, UBL CONJUGATION PATHWAY, CYTOSKELETAL REARRANGEMENTS, PHOSPHORYLATION, ADAPTOR PROTEIN, EGFR DOWNREGULATION, CD2 ASSOCIATED PROTEIN, PROTEIN BINDING
;
# 
loop_
_struct_asym.id 
_struct_asym.pdbx_blank_PDB_chainid_flag 
_struct_asym.pdbx_modified 
_struct_asym.entity_id 
_struct_asym.details 
A N N 1 ? 
B N N 2 ? 
C N N 3 ? 
D N N 3 ? 
# 
loop_
_struct_ref.id 
_struct_ref.db_name 
_struct_ref.db_code 
_struct_ref.entity_id 
_struct_ref.pdbx_seq_one_letter_code 
_struct_ref.pdbx_align_begin 
_struct_ref.pdbx_db_accession 
_struct_ref.pdbx_db_isoform 
1 UNP CD2AP_HUMAN 1 ? ? Q9Y5K6 ? 
2 UNP CBLB_HUMAN  2 ? ? Q13191 ? 
# 
loop_
_struct_ref_seq.align_id 
_struct_ref_seq.ref_id 
_struct_ref_seq.pdbx_PDB_id_code 
_struct_ref_seq.pdbx_strand_id 
_struct_ref_seq.seq_align_beg 
_struct_ref_seq.pdbx_seq_align_beg_ins_code 
_struct_ref_seq.seq_align_end 
_struct_ref_seq.pdbx_seq_align_end_ins_code 
_struct_ref_seq.pdbx_db_accession 
_struct_ref_seq.db_align_beg 
_struct_ref_seq.pdbx_db_align_beg_ins_code 
_struct_ref_seq.db_align_end 
_struct_ref_seq.pdbx_db_align_end_ins_code 
_struct_ref_seq.pdbx_auth_seq_align_beg 
_struct_ref_seq.pdbx_auth_seq_align_end 
1 1 2J6F A 1 ? 62 ? Q9Y5K6 1   ? 62  ? 1   62  
2 2 2J6F C 1 ? 11 ? Q13191 902 ? 912 ? 902 912 
# 
_pdbx_struct_assembly.id                   1 
_pdbx_struct_assembly.details              author_and_software_defined_assembly 
_pdbx_struct_assembly.method_details       PQS 
_pdbx_struct_assembly.oligomeric_details   dimeric 
_pdbx_struct_assembly.oligomeric_count     2 
# 
_pdbx_struct_assembly_gen.assembly_id       1 
_pdbx_struct_assembly_gen.oper_expression   1 
_pdbx_struct_assembly_gen.asym_id_list      A,B,C,D 
# 
_pdbx_struct_oper_list.id                   1 
_pdbx_struct_oper_list.type                 'identity operation' 
_pdbx_struct_oper_list.name                 1_555 
_pdbx_struct_oper_list.symmetry_operation   x,y,z 
_pdbx_struct_oper_list.matrix[1][1]         1.0000000000 
_pdbx_struct_oper_list.matrix[1][2]         0.0000000000 
_pdbx_struct_oper_list.matrix[1][3]         0.0000000000 
_pdbx_struct_oper_list.vector[1]            0.0000000000 
_pdbx_struct_oper_list.matrix[2][1]         0.0000000000 
_pdbx_struct_oper_list.matrix[2][2]         1.0000000000 
_pdbx_struct_oper_list.matrix[2][3]         0.0000000000 
_pdbx_struct_oper_list.vector[2]            0.0000000000 
_pdbx_struct_oper_list.matrix[3][1]         0.0000000000 
_pdbx_struct_oper_list.matrix[3][2]         0.0000000000 
_pdbx_struct_oper_list.matrix[3][3]         1.0000000000 
_pdbx_struct_oper_list.vector[3]            0.0000000000 
# 
_struct_biol.id   1 
# 
_struct_sheet.id               AA1 
_struct_sheet.type             ? 
_struct_sheet.number_strands   5 
_struct_sheet.details          ? 
# 
loop_
_struct_sheet_order.sheet_id 
_struct_sheet_order.range_id_1 
_struct_sheet_order.range_id_2 
_struct_sheet_order.offset 
_struct_sheet_order.sense 
AA1 1 2 ? anti-parallel 
AA1 2 3 ? anti-parallel 
AA1 3 4 ? anti-parallel 
AA1 4 5 ? anti-parallel 
# 
loop_
_struct_sheet_range.sheet_id 
_struct_sheet_range.id 
_struct_sheet_range.beg_label_comp_id 
_struct_sheet_range.beg_label_asym_id 
_struct_sheet_range.beg_label_seq_id 
_struct_sheet_range.pdbx_beg_PDB_ins_code 
_struct_sheet_range.end_label_comp_id 
_struct_sheet_range.end_label_asym_id 
_struct_sheet_range.end_label_seq_id 
_struct_sheet_range.pdbx_end_PDB_ins_code 
_struct_sheet_range.beg_auth_comp_id 
_struct_sheet_range.beg_auth_asym_id 
_struct_sheet_range.beg_auth_seq_id 
_struct_sheet_range.end_auth_comp_id 
_struct_sheet_range.end_auth_asym_id 
_struct_sheet_range.end_auth_seq_id 
AA1 1 ARG A 45 ? PRO A 50 ? ARG A 45 PRO A 50 
AA1 2 TRP A 37 ? LEU A 42 ? TRP A 37 LEU A 42 
AA1 3 ILE A 25 ? LYS A 31 ? ILE A 25 LYS A 31 
AA1 4 TYR A 4  ? VAL A 6  ? TYR A 4  VAL A 6  
AA1 5 VAL A 54 ? GLU A 56 ? VAL A 54 GLU A 56 
# 
loop_
_pdbx_struct_sheet_hbond.sheet_id 
_pdbx_struct_sheet_hbond.range_id_1 
_pdbx_struct_sheet_hbond.range_id_2 
_pdbx_struct_sheet_hbond.range_1_label_atom_id 
_pdbx_struct_sheet_hbond.range_1_label_comp_id 
_pdbx_struct_sheet_hbond.range_1_label_asym_id 
_pdbx_struct_sheet_hbond.range_1_label_seq_id 
_pdbx_struct_sheet_hbond.range_1_PDB_ins_code 
_pdbx_struct_sheet_hbond.range_1_auth_atom_id 
_pdbx_struct_sheet_hbond.range_1_auth_comp_id 
_pdbx_struct_sheet_hbond.range_1_auth_asym_id 
_pdbx_struct_sheet_hbond.range_1_auth_seq_id 
_pdbx_struct_sheet_hbond.range_2_label_atom_id 
_pdbx_struct_sheet_hbond.range_2_label_comp_id 
_pdbx_struct_sheet_hbond.range_2_label_asym_id 
_pdbx_struct_sheet_hbond.range_2_label_seq_id 
_pdbx_struct_sheet_hbond.range_2_PDB_ins_code 
_pdbx_struct_sheet_hbond.range_2_auth_atom_id 
_pdbx_struct_sheet_hbond.range_2_auth_comp_id 
_pdbx_struct_sheet_hbond.range_2_auth_asym_id 
_pdbx_struct_sheet_hbond.range_2_auth_seq_id 
AA1 1 2 O ARG A 45 ? O ARG A 45 N LEU A 42 ? N LEU A 42 
AA1 2 3 O GLU A 41 ? O GLU A 41 N ARG A 27 ? N ARG A 27 
AA1 3 4 O ILE A 26 ? O ILE A 26 N TYR A 4  ? N TYR A 4  
AA1 4 5 N ILE A 5  ? N ILE A 5  O LYS A 55 ? O LYS A 55 
# 
_pdbx_struct_special_symmetry.id              1 
_pdbx_struct_special_symmetry.PDB_model_num   1 
_pdbx_struct_special_symmetry.auth_asym_id    A 
_pdbx_struct_special_symmetry.auth_comp_id    HOH 
_pdbx_struct_special_symmetry.auth_seq_id     148 
_pdbx_struct_special_symmetry.PDB_ins_code    ? 
_pdbx_struct_special_symmetry.label_asym_id   C 
_pdbx_struct_special_symmetry.label_comp_id   HOH 
_pdbx_struct_special_symmetry.label_seq_id    . 
# 
_pdbx_refine_tls.pdbx_refine_id   'X-RAY DIFFRACTION' 
_pdbx_refine_tls.id               1 
_pdbx_refine_tls.details          ? 
_pdbx_refine_tls.method           refined 
_pdbx_refine_tls.origin_x         -0.6692 
_pdbx_refine_tls.origin_y         0.1709 
_pdbx_refine_tls.origin_z         0.7605 
_pdbx_refine_tls.T[1][1]          -0.1172 
_pdbx_refine_tls.T[2][2]          -0.0472 
_pdbx_refine_tls.T[3][3]          -0.0712 
_pdbx_refine_tls.T[1][2]          -0.0181 
_pdbx_refine_tls.T[1][3]          -0.0092 
_pdbx_refine_tls.T[2][3]          -0.0118 
_pdbx_refine_tls.L[1][1]          2.8896 
_pdbx_refine_tls.L[2][2]          5.2325 
_pdbx_refine_tls.L[3][3]          4.3104 
_pdbx_refine_tls.L[1][2]          -1.2025 
_pdbx_refine_tls.L[1][3]          -1.6779 
_pdbx_refine_tls.L[2][3]          -1.0324 
_pdbx_refine_tls.S[1][1]          -0.0368 
_pdbx_refine_tls.S[1][2]          -0.0021 
_pdbx_refine_tls.S[1][3]          -0.3814 
_pdbx_refine_tls.S[2][1]          0.0169 
_pdbx_refine_tls.S[2][2]          -0.1270 
_pdbx_refine_tls.S[2][3]          0.1367 
_pdbx_refine_tls.S[3][1]          -0.1123 
_pdbx_refine_tls.S[3][2]          0.2665 
_pdbx_refine_tls.S[3][3]          0.1637 
# 
_pdbx_refine_tls_group.pdbx_refine_id      'X-RAY DIFFRACTION' 
_pdbx_refine_tls_group.id                  1 
_pdbx_refine_tls_group.refine_tls_id       1 
_pdbx_refine_tls_group.beg_auth_asym_id    A 
_pdbx_refine_tls_group.beg_auth_seq_id     2 
_pdbx_refine_tls_group.beg_label_asym_id   ? 
_pdbx_refine_tls_group.beg_label_seq_id    ? 
_pdbx_refine_tls_group.end_auth_asym_id    A 
_pdbx_refine_tls_group.end_auth_seq_id     58 
_pdbx_refine_tls_group.end_label_asym_id   ? 
_pdbx_refine_tls_group.end_label_seq_id    ? 
_pdbx_refine_tls_group.selection           ? 
_pdbx_refine_tls_group.selection_details   ? 
# 
loop_
_pdbx_unobs_or_zero_occ_residues.id 
_pdbx_unobs_or_zero_occ_residues.PDB_model_num 
_pdbx_unobs_or_zero_occ_residues.polymer_flag 
_pdbx_unobs_or_zero_occ_residues.occupancy_flag 
_pdbx_unobs_or_zero_occ_residues.auth_asym_id 
_pdbx_unobs_or_zero_occ_residues.auth_comp_id 
_pdbx_unobs_or_zero_occ_residues.auth_seq_id 
_pdbx_unobs_or_zero_occ_residues.PDB_ins_code 
_pdbx_unobs_or_zero_occ_residues.label_asym_id 
_pdbx_unobs_or_zero_occ_residues.label_comp_id 
_pdbx_unobs_or_zero_occ_residues.label_seq_id 
1 1 Y 1 A MET 1   ? A MET 1  
2 1 Y 1 A GLU 60  ? A GLU 60 
3 1 Y 1 A THR 61  ? A THR 61 
4 1 Y 1 A GLU 62  ? A GLU 62 
5 1 Y 1 C PRO 902 ? B PRO 1  
6 1 Y 1 C ALA 903 ? B ALA 2  
7 1 Y 1 C ARG 904 ? B ARG 3  
# 
loop_
_chem_comp_atom.comp_id 
_chem_comp_atom.atom_id 
_chem_comp_atom.type_symbol 
_chem_comp_atom.pdbx_aromatic_flag 
_chem_comp_atom.pdbx_stereo_config 
_chem_comp_atom.pdbx_ordinal 
ALA N    N N N 1   
ALA CA   C N S 2   
ALA C    C N N 3   
ALA O    O N N 4   
ALA CB   C N N 5   
ALA OXT  O N N 6   
ALA H    H N N 7   
ALA H2   H N N 8   
ALA HA   H N N 9   
ALA HB1  H N N 10  
ALA HB2  H N N 11  
ALA HB3  H N N 12  
ALA HXT  H N N 13  
ARG N    N N N 14  
ARG CA   C N S 15  
ARG C    C N N 16  
ARG O    O N N 17  
ARG CB   C N N 18  
ARG CG   C N N 19  
ARG CD   C N N 20  
ARG NE   N N N 21  
ARG CZ   C N N 22  
ARG NH1  N N N 23  
ARG NH2  N N N 24  
ARG OXT  O N N 25  
ARG H    H N N 26  
ARG H2   H N N 27  
ARG HA   H N N 28  
ARG HB2  H N N 29  
ARG HB3  H N N 30  
ARG HG2  H N N 31  
ARG HG3  H N N 32  
ARG HD2  H N N 33  
ARG HD3  H N N 34  
ARG HE   H N N 35  
ARG HH11 H N N 36  
ARG HH12 H N N 37  
ARG HH21 H N N 38  
ARG HH22 H N N 39  
ARG HXT  H N N 40  
ASN N    N N N 41  
ASN CA   C N S 42  
ASN C    C N N 43  
ASN O    O N N 44  
ASN CB   C N N 45  
ASN CG   C N N 46  
ASN OD1  O N N 47  
ASN ND2  N N N 48  
ASN OXT  O N N 49  
ASN H    H N N 50  
ASN H2   H N N 51  
ASN HA   H N N 52  
ASN HB2  H N N 53  
ASN HB3  H N N 54  
ASN HD21 H N N 55  
ASN HD22 H N N 56  
ASN HXT  H N N 57  
ASP N    N N N 58  
ASP CA   C N S 59  
ASP C    C N N 60  
ASP O    O N N 61  
ASP CB   C N N 62  
ASP CG   C N N 63  
ASP OD1  O N N 64  
ASP OD2  O N N 65  
ASP OXT  O N N 66  
ASP H    H N N 67  
ASP H2   H N N 68  
ASP HA   H N N 69  
ASP HB2  H N N 70  
ASP HB3  H N N 71  
ASP HD2  H N N 72  
ASP HXT  H N N 73  
GLN N    N N N 74  
GLN CA   C N S 75  
GLN C    C N N 76  
GLN O    O N N 77  
GLN CB   C N N 78  
GLN CG   C N N 79  
GLN CD   C N N 80  
GLN OE1  O N N 81  
GLN NE2  N N N 82  
GLN OXT  O N N 83  
GLN H    H N N 84  
GLN H2   H N N 85  
GLN HA   H N N 86  
GLN HB2  H N N 87  
GLN HB3  H N N 88  
GLN HG2  H N N 89  
GLN HG3  H N N 90  
GLN HE21 H N N 91  
GLN HE22 H N N 92  
GLN HXT  H N N 93  
GLU N    N N N 94  
GLU CA   C N S 95  
GLU C    C N N 96  
GLU O    O N N 97  
GLU CB   C N N 98  
GLU CG   C N N 99  
GLU CD   C N N 100 
GLU OE1  O N N 101 
GLU OE2  O N N 102 
GLU OXT  O N N 103 
GLU H    H N N 104 
GLU H2   H N N 105 
GLU HA   H N N 106 
GLU HB2  H N N 107 
GLU HB3  H N N 108 
GLU HG2  H N N 109 
GLU HG3  H N N 110 
GLU HE2  H N N 111 
GLU HXT  H N N 112 
GLY N    N N N 113 
GLY CA   C N N 114 
GLY C    C N N 115 
GLY O    O N N 116 
GLY OXT  O N N 117 
GLY H    H N N 118 
GLY H2   H N N 119 
GLY HA2  H N N 120 
GLY HA3  H N N 121 
GLY HXT  H N N 122 
HIS N    N N N 123 
HIS CA   C N S 124 
HIS C    C N N 125 
HIS O    O N N 126 
HIS CB   C N N 127 
HIS CG   C Y N 128 
HIS ND1  N Y N 129 
HIS CD2  C Y N 130 
HIS CE1  C Y N 131 
HIS NE2  N Y N 132 
HIS OXT  O N N 133 
HIS H    H N N 134 
HIS H2   H N N 135 
HIS HA   H N N 136 
HIS HB2  H N N 137 
HIS HB3  H N N 138 
HIS HD1  H N N 139 
HIS HD2  H N N 140 
HIS HE1  H N N 141 
HIS HE2  H N N 142 
HIS HXT  H N N 143 
HOH O    O N N 144 
HOH H1   H N N 145 
HOH H2   H N N 146 
ILE N    N N N 147 
ILE CA   C N S 148 
ILE C    C N N 149 
ILE O    O N N 150 
ILE CB   C N S 151 
ILE CG1  C N N 152 
ILE CG2  C N N 153 
ILE CD1  C N N 154 
ILE OXT  O N N 155 
ILE H    H N N 156 
ILE H2   H N N 157 
ILE HA   H N N 158 
ILE HB   H N N 159 
ILE HG12 H N N 160 
ILE HG13 H N N 161 
ILE HG21 H N N 162 
ILE HG22 H N N 163 
ILE HG23 H N N 164 
ILE HD11 H N N 165 
ILE HD12 H N N 166 
ILE HD13 H N N 167 
ILE HXT  H N N 168 
LEU N    N N N 169 
LEU CA   C N S 170 
LEU C    C N N 171 
LEU O    O N N 172 
LEU CB   C N N 173 
LEU CG   C N N 174 
LEU CD1  C N N 175 
LEU CD2  C N N 176 
LEU OXT  O N N 177 
LEU H    H N N 178 
LEU H2   H N N 179 
LEU HA   H N N 180 
LEU HB2  H N N 181 
LEU HB3  H N N 182 
LEU HG   H N N 183 
LEU HD11 H N N 184 
LEU HD12 H N N 185 
LEU HD13 H N N 186 
LEU HD21 H N N 187 
LEU HD22 H N N 188 
LEU HD23 H N N 189 
LEU HXT  H N N 190 
LYS N    N N N 191 
LYS CA   C N S 192 
LYS C    C N N 193 
LYS O    O N N 194 
LYS CB   C N N 195 
LYS CG   C N N 196 
LYS CD   C N N 197 
LYS CE   C N N 198 
LYS NZ   N N N 199 
LYS OXT  O N N 200 
LYS H    H N N 201 
LYS H2   H N N 202 
LYS HA   H N N 203 
LYS HB2  H N N 204 
LYS HB3  H N N 205 
LYS HG2  H N N 206 
LYS HG3  H N N 207 
LYS HD2  H N N 208 
LYS HD3  H N N 209 
LYS HE2  H N N 210 
LYS HE3  H N N 211 
LYS HZ1  H N N 212 
LYS HZ2  H N N 213 
LYS HZ3  H N N 214 
LYS HXT  H N N 215 
MET N    N N N 216 
MET CA   C N S 217 
MET C    C N N 218 
MET O    O N N 219 
MET CB   C N N 220 
MET CG   C N N 221 
MET SD   S N N 222 
MET CE   C N N 223 
MET OXT  O N N 224 
MET H    H N N 225 
MET H2   H N N 226 
MET HA   H N N 227 
MET HB2  H N N 228 
MET HB3  H N N 229 
MET HG2  H N N 230 
MET HG3  H N N 231 
MET HE1  H N N 232 
MET HE2  H N N 233 
MET HE3  H N N 234 
MET HXT  H N N 235 
PHE N    N N N 236 
PHE CA   C N S 237 
PHE C    C N N 238 
PHE O    O N N 239 
PHE CB   C N N 240 
PHE CG   C Y N 241 
PHE CD1  C Y N 242 
PHE CD2  C Y N 243 
PHE CE1  C Y N 244 
PHE CE2  C Y N 245 
PHE CZ   C Y N 246 
PHE OXT  O N N 247 
PHE H    H N N 248 
PHE H2   H N N 249 
PHE HA   H N N 250 
PHE HB2  H N N 251 
PHE HB3  H N N 252 
PHE HD1  H N N 253 
PHE HD2  H N N 254 
PHE HE1  H N N 255 
PHE HE2  H N N 256 
PHE HZ   H N N 257 
PHE HXT  H N N 258 
PRO N    N N N 259 
PRO CA   C N S 260 
PRO C    C N N 261 
PRO O    O N N 262 
PRO CB   C N N 263 
PRO CG   C N N 264 
PRO CD   C N N 265 
PRO OXT  O N N 266 
PRO H    H N N 267 
PRO HA   H N N 268 
PRO HB2  H N N 269 
PRO HB3  H N N 270 
PRO HG2  H N N 271 
PRO HG3  H N N 272 
PRO HD2  H N N 273 
PRO HD3  H N N 274 
PRO HXT  H N N 275 
THR N    N N N 276 
THR CA   C N S 277 
THR C    C N N 278 
THR O    O N N 279 
THR CB   C N R 280 
THR OG1  O N N 281 
THR CG2  C N N 282 
THR OXT  O N N 283 
THR H    H N N 284 
THR H2   H N N 285 
THR HA   H N N 286 
THR HB   H N N 287 
THR HG1  H N N 288 
THR HG21 H N N 289 
THR HG22 H N N 290 
THR HG23 H N N 291 
THR HXT  H N N 292 
TRP N    N N N 293 
TRP CA   C N S 294 
TRP C    C N N 295 
TRP O    O N N 296 
TRP CB   C N N 297 
TRP CG   C Y N 298 
TRP CD1  C Y N 299 
TRP CD2  C Y N 300 
TRP NE1  N Y N 301 
TRP CE2  C Y N 302 
TRP CE3  C Y N 303 
TRP CZ2  C Y N 304 
TRP CZ3  C Y N 305 
TRP CH2  C Y N 306 
TRP OXT  O N N 307 
TRP H    H N N 308 
TRP H2   H N N 309 
TRP HA   H N N 310 
TRP HB2  H N N 311 
TRP HB3  H N N 312 
TRP HD1  H N N 313 
TRP HE1  H N N 314 
TRP HE3  H N N 315 
TRP HZ2  H N N 316 
TRP HZ3  H N N 317 
TRP HH2  H N N 318 
TRP HXT  H N N 319 
TYR N    N N N 320 
TYR CA   C N S 321 
TYR C    C N N 322 
TYR O    O N N 323 
TYR CB   C N N 324 
TYR CG   C Y N 325 
TYR CD1  C Y N 326 
TYR CD2  C Y N 327 
TYR CE1  C Y N 328 
TYR CE2  C Y N 329 
TYR CZ   C Y N 330 
TYR OH   O N N 331 
TYR OXT  O N N 332 
TYR H    H N N 333 
TYR H2   H N N 334 
TYR HA   H N N 335 
TYR HB2  H N N 336 
TYR HB3  H N N 337 
TYR HD1  H N N 338 
TYR HD2  H N N 339 
TYR HE1  H N N 340 
TYR HE2  H N N 341 
TYR HH   H N N 342 
TYR HXT  H N N 343 
VAL N    N N N 344 
VAL CA   C N S 345 
VAL C    C N N 346 
VAL O    O N N 347 
VAL CB   C N N 348 
VAL CG1  C N N 349 
VAL CG2  C N N 350 
VAL OXT  O N N 351 
VAL H    H N N 352 
VAL H2   H N N 353 
VAL HA   H N N 354 
VAL HB   H N N 355 
VAL HG11 H N N 356 
VAL HG12 H N N 357 
VAL HG13 H N N 358 
VAL HG21 H N N 359 
VAL HG22 H N N 360 
VAL HG23 H N N 361 
VAL HXT  H N N 362 
# 
loop_
_chem_comp_bond.comp_id 
_chem_comp_bond.atom_id_1 
_chem_comp_bond.atom_id_2 
_chem_comp_bond.value_order 
_chem_comp_bond.pdbx_aromatic_flag 
_chem_comp_bond.pdbx_stereo_config 
_chem_comp_bond.pdbx_ordinal 
ALA N   CA   sing N N 1   
ALA N   H    sing N N 2   
ALA N   H2   sing N N 3   
ALA CA  C    sing N N 4   
ALA CA  CB   sing N N 5   
ALA CA  HA   sing N N 6   
ALA C   O    doub N N 7   
ALA C   OXT  sing N N 8   
ALA CB  HB1  sing N N 9   
ALA CB  HB2  sing N N 10  
ALA CB  HB3  sing N N 11  
ALA OXT HXT  sing N N 12  
ARG N   CA   sing N N 13  
ARG N   H    sing N N 14  
ARG N   H2   sing N N 15  
ARG CA  C    sing N N 16  
ARG CA  CB   sing N N 17  
ARG CA  HA   sing N N 18  
ARG C   O    doub N N 19  
ARG C   OXT  sing N N 20  
ARG CB  CG   sing N N 21  
ARG CB  HB2  sing N N 22  
ARG CB  HB3  sing N N 23  
ARG CG  CD   sing N N 24  
ARG CG  HG2  sing N N 25  
ARG CG  HG3  sing N N 26  
ARG CD  NE   sing N N 27  
ARG CD  HD2  sing N N 28  
ARG CD  HD3  sing N N 29  
ARG NE  CZ   sing N N 30  
ARG NE  HE   sing N N 31  
ARG CZ  NH1  sing N N 32  
ARG CZ  NH2  doub N N 33  
ARG NH1 HH11 sing N N 34  
ARG NH1 HH12 sing N N 35  
ARG NH2 HH21 sing N N 36  
ARG NH2 HH22 sing N N 37  
ARG OXT HXT  sing N N 38  
ASN N   CA   sing N N 39  
ASN N   H    sing N N 40  
ASN N   H2   sing N N 41  
ASN CA  C    sing N N 42  
ASN CA  CB   sing N N 43  
ASN CA  HA   sing N N 44  
ASN C   O    doub N N 45  
ASN C   OXT  sing N N 46  
ASN CB  CG   sing N N 47  
ASN CB  HB2  sing N N 48  
ASN CB  HB3  sing N N 49  
ASN CG  OD1  doub N N 50  
ASN CG  ND2  sing N N 51  
ASN ND2 HD21 sing N N 52  
ASN ND2 HD22 sing N N 53  
ASN OXT HXT  sing N N 54  
ASP N   CA   sing N N 55  
ASP N   H    sing N N 56  
ASP N   H2   sing N N 57  
ASP CA  C    sing N N 58  
ASP CA  CB   sing N N 59  
ASP CA  HA   sing N N 60  
ASP C   O    doub N N 61  
ASP C   OXT  sing N N 62  
ASP CB  CG   sing N N 63  
ASP CB  HB2  sing N N 64  
ASP CB  HB3  sing N N 65  
ASP CG  OD1  doub N N 66  
ASP CG  OD2  sing N N 67  
ASP OD2 HD2  sing N N 68  
ASP OXT HXT  sing N N 69  
GLN N   CA   sing N N 70  
GLN N   H    sing N N 71  
GLN N   H2   sing N N 72  
GLN CA  C    sing N N 73  
GLN CA  CB   sing N N 74  
GLN CA  HA   sing N N 75  
GLN C   O    doub N N 76  
GLN C   OXT  sing N N 77  
GLN CB  CG   sing N N 78  
GLN CB  HB2  sing N N 79  
GLN CB  HB3  sing N N 80  
GLN CG  CD   sing N N 81  
GLN CG  HG2  sing N N 82  
GLN CG  HG3  sing N N 83  
GLN CD  OE1  doub N N 84  
GLN CD  NE2  sing N N 85  
GLN NE2 HE21 sing N N 86  
GLN NE2 HE22 sing N N 87  
GLN OXT HXT  sing N N 88  
GLU N   CA   sing N N 89  
GLU N   H    sing N N 90  
GLU N   H2   sing N N 91  
GLU CA  C    sing N N 92  
GLU CA  CB   sing N N 93  
GLU CA  HA   sing N N 94  
GLU C   O    doub N N 95  
GLU C   OXT  sing N N 96  
GLU CB  CG   sing N N 97  
GLU CB  HB2  sing N N 98  
GLU CB  HB3  sing N N 99  
GLU CG  CD   sing N N 100 
GLU CG  HG2  sing N N 101 
GLU CG  HG3  sing N N 102 
GLU CD  OE1  doub N N 103 
GLU CD  OE2  sing N N 104 
GLU OE2 HE2  sing N N 105 
GLU OXT HXT  sing N N 106 
GLY N   CA   sing N N 107 
GLY N   H    sing N N 108 
GLY N   H2   sing N N 109 
GLY CA  C    sing N N 110 
GLY CA  HA2  sing N N 111 
GLY CA  HA3  sing N N 112 
GLY C   O    doub N N 113 
GLY C   OXT  sing N N 114 
GLY OXT HXT  sing N N 115 
HIS N   CA   sing N N 116 
HIS N   H    sing N N 117 
HIS N   H2   sing N N 118 
HIS CA  C    sing N N 119 
HIS CA  CB   sing N N 120 
HIS CA  HA   sing N N 121 
HIS C   O    doub N N 122 
HIS C   OXT  sing N N 123 
HIS CB  CG   sing N N 124 
HIS CB  HB2  sing N N 125 
HIS CB  HB3  sing N N 126 
HIS CG  ND1  sing Y N 127 
HIS CG  CD2  doub Y N 128 
HIS ND1 CE1  doub Y N 129 
HIS ND1 HD1  sing N N 130 
HIS CD2 NE2  sing Y N 131 
HIS CD2 HD2  sing N N 132 
HIS CE1 NE2  sing Y N 133 
HIS CE1 HE1  sing N N 134 
HIS NE2 HE2  sing N N 135 
HIS OXT HXT  sing N N 136 
HOH O   H1   sing N N 137 
HOH O   H2   sing N N 138 
ILE N   CA   sing N N 139 
ILE N   H    sing N N 140 
ILE N   H2   sing N N 141 
ILE CA  C    sing N N 142 
ILE CA  CB   sing N N 143 
ILE CA  HA   sing N N 144 
ILE C   O    doub N N 145 
ILE C   OXT  sing N N 146 
ILE CB  CG1  sing N N 147 
ILE CB  CG2  sing N N 148 
ILE CB  HB   sing N N 149 
ILE CG1 CD1  sing N N 150 
ILE CG1 HG12 sing N N 151 
ILE CG1 HG13 sing N N 152 
ILE CG2 HG21 sing N N 153 
ILE CG2 HG22 sing N N 154 
ILE CG2 HG23 sing N N 155 
ILE CD1 HD11 sing N N 156 
ILE CD1 HD12 sing N N 157 
ILE CD1 HD13 sing N N 158 
ILE OXT HXT  sing N N 159 
LEU N   CA   sing N N 160 
LEU N   H    sing N N 161 
LEU N   H2   sing N N 162 
LEU CA  C    sing N N 163 
LEU CA  CB   sing N N 164 
LEU CA  HA   sing N N 165 
LEU C   O    doub N N 166 
LEU C   OXT  sing N N 167 
LEU CB  CG   sing N N 168 
LEU CB  HB2  sing N N 169 
LEU CB  HB3  sing N N 170 
LEU CG  CD1  sing N N 171 
LEU CG  CD2  sing N N 172 
LEU CG  HG   sing N N 173 
LEU CD1 HD11 sing N N 174 
LEU CD1 HD12 sing N N 175 
LEU CD1 HD13 sing N N 176 
LEU CD2 HD21 sing N N 177 
LEU CD2 HD22 sing N N 178 
LEU CD2 HD23 sing N N 179 
LEU OXT HXT  sing N N 180 
LYS N   CA   sing N N 181 
LYS N   H    sing N N 182 
LYS N   H2   sing N N 183 
LYS CA  C    sing N N 184 
LYS CA  CB   sing N N 185 
LYS CA  HA   sing N N 186 
LYS C   O    doub N N 187 
LYS C   OXT  sing N N 188 
LYS CB  CG   sing N N 189 
LYS CB  HB2  sing N N 190 
LYS CB  HB3  sing N N 191 
LYS CG  CD   sing N N 192 
LYS CG  HG2  sing N N 193 
LYS CG  HG3  sing N N 194 
LYS CD  CE   sing N N 195 
LYS CD  HD2  sing N N 196 
LYS CD  HD3  sing N N 197 
LYS CE  NZ   sing N N 198 
LYS CE  HE2  sing N N 199 
LYS CE  HE3  sing N N 200 
LYS NZ  HZ1  sing N N 201 
LYS NZ  HZ2  sing N N 202 
LYS NZ  HZ3  sing N N 203 
LYS OXT HXT  sing N N 204 
MET N   CA   sing N N 205 
MET N   H    sing N N 206 
MET N   H2   sing N N 207 
MET CA  C    sing N N 208 
MET CA  CB   sing N N 209 
MET CA  HA   sing N N 210 
MET C   O    doub N N 211 
MET C   OXT  sing N N 212 
MET CB  CG   sing N N 213 
MET CB  HB2  sing N N 214 
MET CB  HB3  sing N N 215 
MET CG  SD   sing N N 216 
MET CG  HG2  sing N N 217 
MET CG  HG3  sing N N 218 
MET SD  CE   sing N N 219 
MET CE  HE1  sing N N 220 
MET CE  HE2  sing N N 221 
MET CE  HE3  sing N N 222 
MET OXT HXT  sing N N 223 
PHE N   CA   sing N N 224 
PHE N   H    sing N N 225 
PHE N   H2   sing N N 226 
PHE CA  C    sing N N 227 
PHE CA  CB   sing N N 228 
PHE CA  HA   sing N N 229 
PHE C   O    doub N N 230 
PHE C   OXT  sing N N 231 
PHE CB  CG   sing N N 232 
PHE CB  HB2  sing N N 233 
PHE CB  HB3  sing N N 234 
PHE CG  CD1  doub Y N 235 
PHE CG  CD2  sing Y N 236 
PHE CD1 CE1  sing Y N 237 
PHE CD1 HD1  sing N N 238 
PHE CD2 CE2  doub Y N 239 
PHE CD2 HD2  sing N N 240 
PHE CE1 CZ   doub Y N 241 
PHE CE1 HE1  sing N N 242 
PHE CE2 CZ   sing Y N 243 
PHE CE2 HE2  sing N N 244 
PHE CZ  HZ   sing N N 245 
PHE OXT HXT  sing N N 246 
PRO N   CA   sing N N 247 
PRO N   CD   sing N N 248 
PRO N   H    sing N N 249 
PRO CA  C    sing N N 250 
PRO CA  CB   sing N N 251 
PRO CA  HA   sing N N 252 
PRO C   O    doub N N 253 
PRO C   OXT  sing N N 254 
PRO CB  CG   sing N N 255 
PRO CB  HB2  sing N N 256 
PRO CB  HB3  sing N N 257 
PRO CG  CD   sing N N 258 
PRO CG  HG2  sing N N 259 
PRO CG  HG3  sing N N 260 
PRO CD  HD2  sing N N 261 
PRO CD  HD3  sing N N 262 
PRO OXT HXT  sing N N 263 
THR N   CA   sing N N 264 
THR N   H    sing N N 265 
THR N   H2   sing N N 266 
THR CA  C    sing N N 267 
THR CA  CB   sing N N 268 
THR CA  HA   sing N N 269 
THR C   O    doub N N 270 
THR C   OXT  sing N N 271 
THR CB  OG1  sing N N 272 
THR CB  CG2  sing N N 273 
THR CB  HB   sing N N 274 
THR OG1 HG1  sing N N 275 
THR CG2 HG21 sing N N 276 
THR CG2 HG22 sing N N 277 
THR CG2 HG23 sing N N 278 
THR OXT HXT  sing N N 279 
TRP N   CA   sing N N 280 
TRP N   H    sing N N 281 
TRP N   H2   sing N N 282 
TRP CA  C    sing N N 283 
TRP CA  CB   sing N N 284 
TRP CA  HA   sing N N 285 
TRP C   O    doub N N 286 
TRP C   OXT  sing N N 287 
TRP CB  CG   sing N N 288 
TRP CB  HB2  sing N N 289 
TRP CB  HB3  sing N N 290 
TRP CG  CD1  doub Y N 291 
TRP CG  CD2  sing Y N 292 
TRP CD1 NE1  sing Y N 293 
TRP CD1 HD1  sing N N 294 
TRP CD2 CE2  doub Y N 295 
TRP CD2 CE3  sing Y N 296 
TRP NE1 CE2  sing Y N 297 
TRP NE1 HE1  sing N N 298 
TRP CE2 CZ2  sing Y N 299 
TRP CE3 CZ3  doub Y N 300 
TRP CE3 HE3  sing N N 301 
TRP CZ2 CH2  doub Y N 302 
TRP CZ2 HZ2  sing N N 303 
TRP CZ3 CH2  sing Y N 304 
TRP CZ3 HZ3  sing N N 305 
TRP CH2 HH2  sing N N 306 
TRP OXT HXT  sing N N 307 
TYR N   CA   sing N N 308 
TYR N   H    sing N N 309 
TYR N   H2   sing N N 310 
TYR CA  C    sing N N 311 
TYR CA  CB   sing N N 312 
TYR CA  HA   sing N N 313 
TYR C   O    doub N N 314 
TYR C   OXT  sing N N 315 
TYR CB  CG   sing N N 316 
TYR CB  HB2  sing N N 317 
TYR CB  HB3  sing N N 318 
TYR CG  CD1  doub Y N 319 
TYR CG  CD2  sing Y N 320 
TYR CD1 CE1  sing Y N 321 
TYR CD1 HD1  sing N N 322 
TYR CD2 CE2  doub Y N 323 
TYR CD2 HD2  sing N N 324 
TYR CE1 CZ   doub Y N 325 
TYR CE1 HE1  sing N N 326 
TYR CE2 CZ   sing Y N 327 
TYR CE2 HE2  sing N N 328 
TYR CZ  OH   sing N N 329 
TYR OH  HH   sing N N 330 
TYR OXT HXT  sing N N 331 
VAL N   CA   sing N N 332 
VAL N   H    sing N N 333 
VAL N   H2   sing N N 334 
VAL CA  C    sing N N 335 
VAL CA  CB   sing N N 336 
VAL CA  HA   sing N N 337 
VAL C   O    doub N N 338 
VAL C   OXT  sing N N 339 
VAL CB  CG1  sing N N 340 
VAL CB  CG2  sing N N 341 
VAL CB  HB   sing N N 342 
VAL CG1 HG11 sing N N 343 
VAL CG1 HG12 sing N N 344 
VAL CG1 HG13 sing N N 345 
VAL CG2 HG21 sing N N 346 
VAL CG2 HG22 sing N N 347 
VAL CG2 HG23 sing N N 348 
VAL OXT HXT  sing N N 349 
# 
_atom_sites.entry_id                    2J6F 
_atom_sites.fract_transf_matrix[1][1]   0.01425597 
_atom_sites.fract_transf_matrix[1][2]   0.00473612 
_atom_sites.fract_transf_matrix[1][3]   0.00062265 
_atom_sites.fract_transf_matrix[2][1]   -0.00091227 
_atom_sites.fract_transf_matrix[2][2]   0.00462304 
_atom_sites.fract_transf_matrix[2][3]   -0.01427748 
_atom_sites.fract_transf_matrix[3][1]   -0.00460132 
_atom_sites.fract_transf_matrix[3][2]   0.01324761 
_atom_sites.fract_transf_matrix[3][3]   0.00458357 
_atom_sites.fract_transf_vector[1]      0.759707 
_atom_sites.fract_transf_vector[2]      0.511100 
_atom_sites.fract_transf_vector[3]      0.312794 
# 
loop_
_atom_type.symbol 
C 
N 
O 
S 
# 
loop_
_atom_site.group_PDB 
_atom_site.id 
_atom_site.type_symbol 
_atom_site.label_atom_id 
_atom_site.label_alt_id 
_atom_site.label_comp_id 
_atom_site.label_asym_id 
_atom_site.label_entity_id 
_atom_site.label_seq_id 
_atom_site.pdbx_PDB_ins_code 
_atom_site.Cartn_x 
_atom_site.Cartn_y 
_atom_site.Cartn_z 
_atom_site.occupancy 
_atom_site.B_iso_or_equiv 
_atom_site.pdbx_formal_charge 
_atom_site.auth_seq_id 
_atom_site.auth_comp_id 
_atom_site.auth_asym_id 
_atom_site.auth_atom_id 
_atom_site.pdbx_PDB_model_num 
ATOM   1   N N   . VAL A 1 2  ? -0.343  -1.601  13.040  1.00  27.30 ? 2    VAL A N   1 
ATOM   2   C CA  . VAL A 1 2  ? -0.109  -0.241  12.479  1.00  27.82 ? 2    VAL A CA  1 
ATOM   3   C C   . VAL A 1 2  ? -1.022  -0.026  11.260  1.00  29.96 ? 2    VAL A C   1 
ATOM   4   O O   . VAL A 1 2  ? -1.112  -0.912  10.404  1.00  31.01 ? 2    VAL A O   1 
ATOM   5   C CB  . VAL A 1 2  ? 1.390   -0.086  12.066  1.00  29.15 ? 2    VAL A CB  1 
ATOM   6   C CG1 . VAL A 1 2  ? 1.701   1.335   11.685  1.00  32.75 ? 2    VAL A CG1 1 
ATOM   7   C CG2 . VAL A 1 2  ? 2.316   -0.517  13.235  1.00  32.17 ? 2    VAL A CG2 1 
ATOM   8   N N   . ASP A 1 3  ? -1.705  1.124   11.200  1.00  25.04 ? 3    ASP A N   1 
ATOM   9   C CA  . ASP A 1 3  ? -2.488  1.498   10.001  1.00  26.37 ? 3    ASP A CA  1 
ATOM   10  C C   . ASP A 1 3  ? -1.794  2.620   9.242   1.00  26.75 ? 3    ASP A C   1 
ATOM   11  O O   . ASP A 1 3  ? -0.943  3.324   9.797   1.00  28.12 ? 3    ASP A O   1 
ATOM   12  C CB  . ASP A 1 3  ? -3.909  1.921   10.377  1.00  26.25 ? 3    ASP A CB  1 
ATOM   13  C CG  . ASP A 1 3  ? -4.715  0.791   10.990  1.00  28.12 ? 3    ASP A CG  1 
ATOM   14  O OD1 . ASP A 1 3  ? -4.231  -0.356  10.961  1.00  27.65 ? 3    ASP A OD1 1 
ATOM   15  O OD2 . ASP A 1 3  ? -5.824  1.091   11.506  1.00  28.77 ? 3    ASP A OD2 1 
ATOM   16  N N   . TYR A 1 4  ? -2.114  2.744   7.957   1.00  25.62 ? 4    TYR A N   1 
ATOM   17  C CA  . TYR A 1 4  ? -1.508  3.794   7.115   1.00  25.74 ? 4    TYR A CA  1 
ATOM   18  C C   . TYR A 1 4  ? -2.579  4.591   6.413   1.00  27.52 ? 4    TYR A C   1 
ATOM   19  O O   . TYR A 1 4  ? -3.633  4.062   6.075   1.00  26.96 ? 4    TYR A O   1 
ATOM   20  C CB  . TYR A 1 4  ? -0.615  3.165   6.048   1.00  26.79 ? 4    TYR A CB  1 
ATOM   21  C CG  . TYR A 1 4  ? 0.773   2.762   6.529   1.00  26.73 ? 4    TYR A CG  1 
ATOM   22  C CD1 . TYR A 1 4  ? 1.924   3.384   6.010   1.00  28.02 ? 4    TYR A CD1 1 
ATOM   23  C CD2 . TYR A 1 4  ? 0.943   1.726   7.433   1.00  28.43 ? 4    TYR A CD2 1 
ATOM   24  C CE1 . TYR A 1 4  ? 3.208   3.025   6.443   1.00  31.38 ? 4    TYR A CE1 1 
ATOM   25  C CE2 . TYR A 1 4  ? 2.228   1.357   7.877   1.00  30.33 ? 4    TYR A CE2 1 
ATOM   26  C CZ  . TYR A 1 4  ? 3.350   1.994   7.360   1.00  30.80 ? 4    TYR A CZ  1 
ATOM   27  O OH  . TYR A 1 4  ? 4.613   1.614   7.796   1.00  31.19 ? 4    TYR A OH  1 
ATOM   28  N N   . ILE A 1 5  ? -2.292  5.860   6.149   1.00  25.91 ? 5    ILE A N   1 
ATOM   29  C CA  . ILE A 1 5  ? -3.217  6.677   5.349   1.00  25.24 ? 5    ILE A CA  1 
ATOM   30  C C   . ILE A 1 5  ? -2.630  6.837   3.961   1.00  27.10 ? 5    ILE A C   1 
ATOM   31  O O   . ILE A 1 5  ? -1.411  7.006   3.794   1.00  26.19 ? 5    ILE A O   1 
ATOM   32  C CB  . ILE A 1 5  ? -3.408  8.029   6.000   1.00  26.21 ? 5    ILE A CB  1 
ATOM   33  C CG1 . ILE A 1 5  ? -4.400  8.878   5.230   1.00  31.40 ? 5    ILE A CG1 1 
ATOM   34  C CG2 . ILE A 1 5  ? -2.049  8.747   6.179   1.00  29.67 ? 5    ILE A CG2 1 
ATOM   35  C CD1 . ILE A 1 5  ? -4.822  10.089  6.083   1.00  33.95 ? 5    ILE A CD1 1 
ATOM   36  N N   . VAL A 1 6  ? -3.509  6.793   2.958   1.00  25.61 ? 6    VAL A N   1 
ATOM   37  C CA  . VAL A 1 6  ? -3.082  6.949   1.560   1.00  24.61 ? 6    VAL A CA  1 
ATOM   38  C C   . VAL A 1 6  ? -2.939  8.419   1.248   1.00  24.38 ? 6    VAL A C   1 
ATOM   39  O O   . VAL A 1 6  ? -3.909  9.187   1.421   1.00  27.01 ? 6    VAL A O   1 
ATOM   40  C CB  . VAL A 1 6  ? -4.118  6.326   0.618   1.00  26.78 ? 6    VAL A CB  1 
ATOM   41  C CG1 . VAL A 1 6  ? -3.688  6.484   -0.844  1.00  26.45 ? 6    VAL A CG1 1 
ATOM   42  C CG2 . VAL A 1 6  ? -4.271  4.846   0.973   1.00  28.50 ? 6    VAL A CG2 1 
ATOM   43  N N   . GLU A 1 7  ? -1.757  8.807   0.765   1.00  24.74 ? 7    GLU A N   1 
ATOM   44  C CA  A GLU A 1 7  ? -1.383  10.209  0.452   0.50  25.71 ? 7    GLU A CA  1 
ATOM   45  C CA  B GLU A 1 7  ? -1.588  10.216  0.412   0.50  26.39 ? 7    GLU A CA  1 
ATOM   46  C C   . GLU A 1 7  ? -1.420  10.485  -1.072  1.00  25.44 ? 7    GLU A C   1 
ATOM   47  O O   . GLU A 1 7  ? -1.530  11.653  -1.519  1.00  26.50 ? 7    GLU A O   1 
ATOM   48  C CB  A GLU A 1 7  ? 0.040   10.522  0.972   0.50  23.97 ? 7    GLU A CB  1 
ATOM   49  C CB  B GLU A 1 7  ? -0.492  10.840  1.247   0.50  26.49 ? 7    GLU A CB  1 
ATOM   50  C CG  A GLU A 1 7  ? 0.226   10.600  2.506   0.50  25.56 ? 7    GLU A CG  1 
ATOM   51  C CG  B GLU A 1 7  ? -0.853  10.793  2.729   0.50  25.71 ? 7    GLU A CG  1 
ATOM   52  C CD  A GLU A 1 7  ? 1.559   11.230  2.894   0.50  26.25 ? 7    GLU A CD  1 
ATOM   53  C CD  B GLU A 1 7  ? 0.078   11.601  3.557   0.50  25.49 ? 7    GLU A CD  1 
ATOM   54  O OE1 A GLU A 1 7  ? 1.621   11.900  3.960   0.50  23.25 ? 7    GLU A OE1 1 
ATOM   55  O OE1 B GLU A 1 7  ? 1.251   11.711  3.173   0.50  27.75 ? 7    GLU A OE1 1 
ATOM   56  O OE2 A GLU A 1 7  ? 2.555   11.078  2.124   0.50  27.72 ? 7    GLU A OE2 1 
ATOM   57  O OE2 B GLU A 1 7  ? -0.339  12.102  4.582   0.50  26.81 ? 7    GLU A OE2 1 
ATOM   58  N N   . TYR A 1 8  ? -1.241  9.418   -1.859  1.00  25.37 ? 8    TYR A N   1 
ATOM   59  C CA  . TYR A 1 8  ? -1.179  9.513   -3.323  1.00  25.08 ? 8    TYR A CA  1 
ATOM   60  C C   . TYR A 1 8  ? -1.879  8.318   -3.953  1.00  25.71 ? 8    TYR A C   1 
ATOM   61  O O   . TYR A 1 8  ? -1.752  7.202   -3.460  1.00  26.26 ? 8    TYR A O   1 
ATOM   62  C CB  . TYR A 1 8  ? 0.289   9.501   -3.773  1.00  26.24 ? 8    TYR A CB  1 
ATOM   63  C CG  . TYR A 1 8  ? 1.089   10.666  -3.257  1.00  29.38 ? 8    TYR A CG  1 
ATOM   64  C CD1 . TYR A 1 8  ? 1.779   10.572  -2.058  1.00  31.18 ? 8    TYR A CD1 1 
ATOM   65  C CD2 . TYR A 1 8  ? 1.157   11.858  -3.970  1.00  31.59 ? 8    TYR A CD2 1 
ATOM   66  C CE1 . TYR A 1 8  ? 2.518   11.650  -1.559  1.00  32.25 ? 8    TYR A CE1 1 
ATOM   67  C CE2 . TYR A 1 8  ? 1.896   12.930  -3.482  1.00  32.37 ? 8    TYR A CE2 1 
ATOM   68  C CZ  . TYR A 1 8  ? 2.572   12.801  -2.272  1.00  29.67 ? 8    TYR A CZ  1 
ATOM   69  O OH  . TYR A 1 8  ? 3.306   13.875  -1.788  1.00  34.81 ? 8    TYR A OH  1 
ATOM   70  N N   . ASP A 1 9  ? -2.618  8.544   -5.044  1.00  25.20 ? 9    ASP A N   1 
ATOM   71  C CA  . ASP A 1 9  ? -3.346  7.461   -5.666  1.00  26.11 ? 9    ASP A CA  1 
ATOM   72  C C   . ASP A 1 9  ? -2.353  6.476   -6.269  1.00  27.28 ? 9    ASP A C   1 
ATOM   73  O O   . ASP A 1 9  ? -1.317  6.892   -6.803  1.00  26.99 ? 9    ASP A O   1 
ATOM   74  C CB  . ASP A 1 9  ? -4.231  7.982   -6.808  1.00  27.22 ? 9    ASP A CB  1 
ATOM   75  C CG  . ASP A 1 9  ? -5.417  8.837   -6.333  1.00  30.96 ? 9    ASP A CG  1 
ATOM   76  O OD1 . ASP A 1 9  ? -5.778  8.835   -5.146  1.00  26.82 ? 9    ASP A OD1 1 
ATOM   77  O OD2 . ASP A 1 9  ? -6.013  9.504   -7.205  1.00  32.09 ? 9    ASP A OD2 1 
ATOM   78  N N   . TYR A 1 10 ? -2.680  5.185   -6.200  1.00  27.04 ? 10   TYR A N   1 
ATOM   79  C CA  . TYR A 1 10 ? -1.851  4.167   -6.857  1.00  26.93 ? 10   TYR A CA  1 
ATOM   80  C C   . TYR A 1 10 ? -2.759  3.136   -7.471  1.00  26.65 ? 10   TYR A C   1 
ATOM   81  O O   . TYR A 1 10 ? -3.708  2.696   -6.817  1.00  28.36 ? 10   TYR A O   1 
ATOM   82  C CB  . TYR A 1 10 ? -0.927  3.461   -5.855  1.00  26.80 ? 10   TYR A CB  1 
ATOM   83  C CG  . TYR A 1 10 ? -0.144  2.342   -6.535  1.00  25.31 ? 10   TYR A CG  1 
ATOM   84  C CD1 . TYR A 1 10 ? -0.456  0.997   -6.295  1.00  24.71 ? 10   TYR A CD1 1 
ATOM   85  C CD2 . TYR A 1 10 ? 0.902   2.632   -7.399  1.00  25.66 ? 10   TYR A CD2 1 
ATOM   86  C CE1 . TYR A 1 10 ? 0.243   -0.024  -6.934  1.00  26.42 ? 10   TYR A CE1 1 
ATOM   87  C CE2 . TYR A 1 10 ? 1.598   1.634   -8.046  1.00  26.47 ? 10   TYR A CE2 1 
ATOM   88  C CZ  . TYR A 1 10 ? 1.263   0.302   -7.812  1.00  28.44 ? 10   TYR A CZ  1 
ATOM   89  O OH  . TYR A 1 10 ? 1.937   -0.709  -8.442  1.00  25.92 ? 10   TYR A OH  1 
ATOM   90  N N   . ASP A 1 11 ? -2.455  2.759   -8.715  1.00  26.71 ? 11   ASP A N   1 
ATOM   91  C CA  . ASP A 1 11 ? -3.204  1.723   -9.432  1.00  27.57 ? 11   ASP A CA  1 
ATOM   92  C C   . ASP A 1 11 ? -2.423  0.417   -9.482  1.00  26.02 ? 11   ASP A C   1 
ATOM   93  O O   . ASP A 1 11 ? -1.293  0.385   -9.959  1.00  28.53 ? 11   ASP A O   1 
ATOM   94  C CB  . ASP A 1 11 ? -3.505  2.169   -10.862 1.00  28.50 ? 11   ASP A CB  1 
ATOM   95  C CG  . ASP A 1 11 ? -4.502  3.288   -10.911 1.00  32.05 ? 11   ASP A CG  1 
ATOM   96  O OD1 . ASP A 1 11 ? -4.427  4.098   -11.863 1.00  35.41 ? 11   ASP A OD1 1 
ATOM   97  O OD2 . ASP A 1 11 ? -5.362  3.344   -10.005 1.00  29.13 ? 11   ASP A OD2 1 
ATOM   98  N N   . ALA A 1 12 ? -3.056  -0.653  -9.008  1.00  27.42 ? 12   ALA A N   1 
ATOM   99  C CA  . ALA A 1 12 ? -2.492  -1.988  -9.085  1.00  27.39 ? 12   ALA A CA  1 
ATOM   100 C C   . ALA A 1 12 ? -2.094  -2.347  -10.502 1.00  29.10 ? 12   ALA A C   1 
ATOM   101 O O   . ALA A 1 12 ? -2.882  -2.154  -11.465 1.00  27.08 ? 12   ALA A O   1 
ATOM   102 C CB  . ALA A 1 12 ? -3.483  -3.017  -8.536  1.00  28.65 ? 12   ALA A CB  1 
ATOM   103 N N   . VAL A 1 13 ? -0.879  -2.876  -10.641 1.00  28.67 ? 13   VAL A N   1 
ATOM   104 C CA  . VAL A 1 13 ? -0.425  -3.399  -11.948 1.00  30.12 ? 13   VAL A CA  1 
ATOM   105 C C   . VAL A 1 13 ? -0.298  -4.918  -11.985 1.00  29.93 ? 13   VAL A C   1 
ATOM   106 O O   . VAL A 1 13 ? 0.078   -5.497  -13.016 1.00  31.18 ? 13   VAL A O   1 
ATOM   107 C CB  . VAL A 1 13 ? 0.902   -2.742  -12.433 1.00  33.24 ? 13   VAL A CB  1 
ATOM   108 C CG1 . VAL A 1 13 ? 0.749   -1.223  -12.538 1.00  36.03 ? 13   VAL A CG1 1 
ATOM   109 C CG2 . VAL A 1 13 ? 2.046   -3.088  -11.494 1.00  35.86 ? 13   VAL A CG2 1 
ATOM   110 N N   . HIS A 1 14 ? -0.606  -5.545  -10.855 1.00  29.37 ? 14   HIS A N   1 
ATOM   111 C CA  . HIS A 1 14 ? -0.744  -6.994  -10.722 1.00  28.56 ? 14   HIS A CA  1 
ATOM   112 C C   . HIS A 1 14 ? -1.872  -7.289  -9.749  1.00  29.02 ? 14   HIS A C   1 
ATOM   113 O O   . HIS A 1 14 ? -2.213  -6.457  -8.903  1.00  27.79 ? 14   HIS A O   1 
ATOM   114 C CB  . HIS A 1 14 ? 0.534   -7.626  -10.188 1.00  29.81 ? 14   HIS A CB  1 
ATOM   115 C CG  . HIS A 1 14 ? 1.739   -7.342  -11.021 1.00  30.00 ? 14   HIS A CG  1 
ATOM   116 N ND1 . HIS A 1 14 ? 1.992   -7.998  -12.206 1.00  30.72 ? 14   HIS A ND1 1 
ATOM   117 C CD2 . HIS A 1 14 ? 2.753   -6.464  -10.847 1.00  32.37 ? 14   HIS A CD2 1 
ATOM   118 C CE1 . HIS A 1 14 ? 3.118   -7.543  -12.722 1.00  32.56 ? 14   HIS A CE1 1 
ATOM   119 N NE2 . HIS A 1 14 ? 3.605   -6.618  -11.915 1.00  32.17 ? 14   HIS A NE2 1 
ATOM   120 N N   . ASP A 1 15 ? -2.420  -8.495  -9.839  1.00  29.30 ? 15   ASP A N   1 
ATOM   121 C CA  . ASP A 1 15 ? -3.538  -8.899  -8.994  1.00  31.83 ? 15   ASP A CA  1 
ATOM   122 C C   . ASP A 1 15 ? -3.250  -8.977  -7.498  1.00  31.98 ? 15   ASP A C   1 
ATOM   123 O O   . ASP A 1 15 ? -4.188  -8.921  -6.687  1.00  33.70 ? 15   ASP A O   1 
ATOM   124 C CB  . ASP A 1 15 ? -4.108  -10.236 -9.491  1.00  33.05 ? 15   ASP A CB  1 
ATOM   125 C CG  . ASP A 1 15 ? -4.917  -10.078 -10.754 1.00  38.51 ? 15   ASP A CG  1 
ATOM   126 O OD1 . ASP A 1 15 ? -5.194  -11.099 -11.393 1.00  39.73 ? 15   ASP A OD1 1 
ATOM   127 O OD2 . ASP A 1 15 ? -5.284  -8.931  -11.107 1.00  41.70 ? 15   ASP A OD2 1 
ATOM   128 N N   . ASP A 1 16 ? -1.973  -9.101  -7.128  1.00  30.15 ? 16   ASP A N   1 
ATOM   129 C CA  . ASP A 1 16 ? -1.598  -9.113  -5.707  1.00  29.41 ? 16   ASP A CA  1 
ATOM   130 C C   . ASP A 1 16 ? -1.366  -7.717  -5.119  1.00  28.77 ? 16   ASP A C   1 
ATOM   131 O O   . ASP A 1 16 ? -0.952  -7.600  -3.954  1.00  29.33 ? 16   ASP A O   1 
ATOM   132 C CB  . ASP A 1 16 ? -0.366  -9.989  -5.453  1.00  31.56 ? 16   ASP A CB  1 
ATOM   133 C CG  . ASP A 1 16 ? 0.868   -9.533  -6.227  1.00  34.45 ? 16   ASP A CG  1 
ATOM   134 O OD1 . ASP A 1 16 ? 1.856   -10.294 -6.250  1.00  38.76 ? 16   ASP A OD1 1 
ATOM   135 O OD2 . ASP A 1 16 ? 0.871   -8.448  -6.834  1.00  31.56 ? 16   ASP A OD2 1 
ATOM   136 N N   . GLU A 1 17 ? -1.614  -6.673  -5.913  1.00  27.14 ? 17   GLU A N   1 
ATOM   137 C CA  . GLU A 1 17 ? -1.470  -5.290  -5.427  1.00  24.80 ? 17   GLU A CA  1 
ATOM   138 C C   . GLU A 1 17 ? -2.827  -4.676  -5.146  1.00  25.93 ? 17   GLU A C   1 
ATOM   139 O O   . GLU A 1 17 ? -3.860  -5.100  -5.721  1.00  27.28 ? 17   GLU A O   1 
ATOM   140 C CB  . GLU A 1 17 ? -0.736  -4.425  -6.454  1.00  26.65 ? 17   GLU A CB  1 
ATOM   141 C CG  . GLU A 1 17 ? 0.674   -4.911  -6.720  1.00  26.91 ? 17   GLU A CG  1 
ATOM   142 C CD  . GLU A 1 17 ? 1.372   -4.146  -7.831  1.00  28.82 ? 17   GLU A CD  1 
ATOM   143 O OE1 . GLU A 1 17 ? 0.834   -3.121  -8.295  1.00  27.70 ? 17   GLU A OE1 1 
ATOM   144 O OE2 . GLU A 1 17 ? 2.489   -4.570  -8.208  1.00  28.38 ? 17   GLU A OE2 1 
ATOM   145 N N   . LEU A 1 18 ? -2.818  -3.652  -4.293  1.00  25.75 ? 18   LEU A N   1 
ATOM   146 C CA  . LEU A 1 18 ? -4.025  -2.908  -4.015  1.00  26.92 ? 18   LEU A CA  1 
ATOM   147 C C   . LEU A 1 18 ? -4.065  -1.662  -4.860  1.00  27.82 ? 18   LEU A C   1 
ATOM   148 O O   . LEU A 1 18 ? -3.024  -1.024  -5.095  1.00  30.75 ? 18   LEU A O   1 
ATOM   149 C CB  . LEU A 1 18 ? -4.032  -2.461  -2.554  1.00  27.56 ? 18   LEU A CB  1 
ATOM   150 C CG  . LEU A 1 18 ? -4.067  -3.465  -1.413  1.00  30.00 ? 18   LEU A CG  1 
ATOM   151 C CD1 . LEU A 1 18 ? -3.969  -2.660  -0.113  1.00  28.75 ? 18   LEU A CD1 1 
ATOM   152 C CD2 . LEU A 1 18 ? -5.322  -4.330  -1.456  1.00  30.02 ? 18   LEU A CD2 1 
ATOM   153 N N   . THR A 1 19 ? -5.275  -1.283  -5.273  1.00  26.43 ? 19   THR A N   1 
ATOM   154 C CA  . THR A 1 19 ? -5.503  0.043   -5.839  1.00  25.45 ? 19   THR A CA  1 
ATOM   155 C C   . THR A 1 19 ? -6.006  0.937   -4.697  1.00  26.95 ? 19   THR A C   1 
ATOM   156 O O   . THR A 1 19 ? -6.979  0.591   -4.027  1.00  27.94 ? 19   THR A O   1 
ATOM   157 C CB  . THR A 1 19 ? -6.567  -0.079  -6.950  1.00  26.32 ? 19   THR A CB  1 
ATOM   158 O OG1 . THR A 1 19 ? -6.029  -0.862  -8.024  1.00  26.39 ? 19   THR A OG1 1 
ATOM   159 C CG2 . THR A 1 19 ? -6.994  1.286   -7.480  1.00  25.19 ? 19   THR A CG2 1 
ATOM   160 N N   . ILE A 1 20 ? -5.343  2.068   -4.477  1.00  26.49 ? 20   ILE A N   1 
ATOM   161 C CA  . ILE A 1 20 ? -5.578  2.878   -3.287  1.00  24.74 ? 20   ILE A CA  1 
ATOM   162 C C   . ILE A 1 20 ? -5.809  4.318   -3.690  1.00  25.75 ? 20   ILE A C   1 
ATOM   163 O O   . ILE A 1 20 ? -5.315  4.748   -4.743  1.00  25.26 ? 20   ILE A O   1 
ATOM   164 C CB  . ILE A 1 20 ? -4.381  2.787   -2.316  1.00  27.53 ? 20   ILE A CB  1 
ATOM   165 C CG1 . ILE A 1 20 ? -3.118  3.381   -2.939  1.00  28.37 ? 20   ILE A CG1 1 
ATOM   166 C CG2 . ILE A 1 20 ? -4.138  1.294   -1.981  1.00  29.21 ? 20   ILE A CG2 1 
ATOM   167 C CD1 . ILE A 1 20 ? -1.835  3.226   -2.046  1.00  26.78 ? 20   ILE A CD1 1 
ATOM   168 N N   . ARG A 1 21 ? -6.600  5.044   -2.895  1.00  26.23 ? 21   ARG A N   1 
ATOM   169 C CA  . ARG A 1 21 ? -6.975  6.419   -3.239  1.00  25.00 ? 21   ARG A CA  1 
ATOM   170 C C   . ARG A 1 21 ? -6.797  7.302   -2.038  1.00  25.58 ? 21   ARG A C   1 
ATOM   171 O O   . ARG A 1 21 ? -6.970  6.849   -0.897  1.00  25.42 ? 21   ARG A O   1 
ATOM   172 C CB  . ARG A 1 21 ? -8.440  6.492   -3.721  1.00  24.69 ? 21   ARG A CB  1 
ATOM   173 C CG  . ARG A 1 21 ? -8.678  5.752   -5.012  1.00  25.62 ? 21   ARG A CG  1 
ATOM   174 C CD  . ARG A 1 21 ? -8.068  6.526   -6.176  1.00  26.23 ? 21   ARG A CD  1 
ATOM   175 N NE  . ARG A 1 21 ? -8.234  5.879   -7.483  1.00  25.30 ? 21   ARG A NE  1 
ATOM   176 C CZ  . ARG A 1 21 ? -7.332  5.081   -8.063  1.00  27.29 ? 21   ARG A CZ  1 
ATOM   177 N NH1 . ARG A 1 21 ? -7.598  4.586   -9.268  1.00  25.36 ? 21   ARG A NH1 1 
ATOM   178 N NH2 . ARG A 1 21 ? -6.178  4.758   -7.459  1.00  26.67 ? 21   ARG A NH2 1 
ATOM   179 N N   . VAL A 1 22 ? -6.474  8.573   -2.295  1.00  24.93 ? 22   VAL A N   1 
ATOM   180 C CA  . VAL A 1 22 ? -6.179  9.526   -1.230  1.00  27.01 ? 22   VAL A CA  1 
ATOM   181 C C   . VAL A 1 22 ? -7.244  9.503   -0.153  1.00  26.24 ? 22   VAL A C   1 
ATOM   182 O O   . VAL A 1 22 ? -8.446  9.569   -0.450  1.00  28.07 ? 22   VAL A O   1 
ATOM   183 C CB  . VAL A 1 22 ? -6.023  10.952  -1.813  1.00  27.17 ? 22   VAL A CB  1 
ATOM   184 C CG1 . VAL A 1 22 ? -5.898  12.009  -0.692  1.00  30.96 ? 22   VAL A CG1 1 
ATOM   185 C CG2 . VAL A 1 22 ? -4.820  11.030  -2.710  1.00  30.72 ? 22   VAL A CG2 1 
ATOM   186 N N   . GLY A 1 23 ? -6.796  9.450   1.096   1.00  26.00 ? 23   GLY A N   1 
ATOM   187 C CA  . GLY A 1 23 ? -7.702  9.516   2.255   1.00  28.62 ? 23   GLY A CA  1 
ATOM   188 C C   . GLY A 1 23 ? -8.061  8.146   2.811   1.00  29.32 ? 23   GLY A C   1 
ATOM   189 O O   . GLY A 1 23 ? -8.477  8.030   3.981   1.00  29.46 ? 23   GLY A O   1 
ATOM   190 N N   . GLU A 1 24 ? -7.925  7.103   1.991   1.00  26.37 ? 24   GLU A N   1 
ATOM   191 C CA  . GLU A 1 24 ? -8.243  5.773   2.467   1.00  26.55 ? 24   GLU A CA  1 
ATOM   192 C C   . GLU A 1 24 ? -7.294  5.341   3.565   1.00  27.62 ? 24   GLU A C   1 
ATOM   193 O O   . GLU A 1 24 ? -6.141  5.772   3.619   1.00  28.35 ? 24   GLU A O   1 
ATOM   194 C CB  . GLU A 1 24 ? -8.252  4.732   1.313   1.00  26.24 ? 24   GLU A CB  1 
ATOM   195 C CG  . GLU A 1 24 ? -9.427  4.970   0.382   1.00  26.60 ? 24   GLU A CG  1 
ATOM   196 C CD  . GLU A 1 24 ? -9.567  3.944   -0.735  1.00  28.95 ? 24   GLU A CD  1 
ATOM   197 O OE1 . GLU A 1 24 ? -10.719 3.524   -0.999  1.00  34.96 ? 24   GLU A OE1 1 
ATOM   198 O OE2 . GLU A 1 24 ? -8.547  3.599   -1.364  1.00  29.38 ? 24   GLU A OE2 1 
ATOM   199 N N   . ILE A 1 25 ? -7.788  4.484   4.450   1.00  25.34 ? 25   ILE A N   1 
ATOM   200 C CA  A ILE A 1 25 ? -6.979  3.931   5.534   0.50  25.38 ? 25   ILE A CA  1 
ATOM   201 C CA  B ILE A 1 25 ? -6.921  3.941   5.489   0.50  24.10 ? 25   ILE A CA  1 
ATOM   202 C C   . ILE A 1 25 ? -6.725  2.455   5.239   1.00  27.62 ? 25   ILE A C   1 
ATOM   203 O O   . ILE A 1 25 ? -7.699  1.696   5.011   1.00  28.15 ? 25   ILE A O   1 
ATOM   204 C CB  A ILE A 1 25 ? -7.714  4.102   6.898   0.50  26.33 ? 25   ILE A CB  1 
ATOM   205 C CB  B ILE A 1 25 ? -7.446  4.207   6.914   0.50  25.04 ? 25   ILE A CB  1 
ATOM   206 C CG1 A ILE A 1 25 ? -7.930  5.598   7.188   0.50  28.71 ? 25   ILE A CG1 1 
ATOM   207 C CG1 B ILE A 1 25 ? -7.539  5.724   7.155   0.50  23.42 ? 25   ILE A CG1 1 
ATOM   208 C CG2 A ILE A 1 25 ? -6.968  3.396   8.046   0.50  28.48 ? 25   ILE A CG2 1 
ATOM   209 C CG2 B ILE A 1 25 ? -6.527  3.546   7.955   0.50  25.45 ? 25   ILE A CG2 1 
ATOM   210 C CD1 A ILE A 1 25 ? -6.655  6.386   7.340   0.50  28.59 ? 25   ILE A CD1 1 
ATOM   211 C CD1 B ILE A 1 25 ? -8.352  6.081   8.398   0.50  24.21 ? 25   ILE A CD1 1 
ATOM   212 N N   . ILE A 1 26 ? -5.450  2.054   5.235   1.00  26.08 ? 26   ILE A N   1 
ATOM   213 C CA  A ILE A 1 26 ? -5.128  0.639   5.024   0.50  26.57 ? 26   ILE A CA  1 
ATOM   214 C CA  B ILE A 1 26 ? -5.087  0.642   5.028   0.50  26.73 ? 26   ILE A CA  1 
ATOM   215 C C   . ILE A 1 26 ? -4.785  0.043   6.385   1.00  27.11 ? 26   ILE A C   1 
ATOM   216 O O   . ILE A 1 26 ? -3.976  0.599   7.112   1.00  27.02 ? 26   ILE A O   1 
ATOM   217 C CB  A ILE A 1 26 ? -3.955  0.461   4.028   0.50  26.68 ? 26   ILE A CB  1 
ATOM   218 C CB  B ILE A 1 26 ? -3.808  0.516   4.167   0.50  27.11 ? 26   ILE A CB  1 
ATOM   219 C CG1 A ILE A 1 26 ? -4.263  1.137   2.684   0.50  25.67 ? 26   ILE A CG1 1 
ATOM   220 C CG1 B ILE A 1 26 ? -3.857  1.451   2.960   0.50  26.58 ? 26   ILE A CG1 1 
ATOM   221 C CG2 A ILE A 1 26 ? -3.643  -1.031  3.837   0.50  27.22 ? 26   ILE A CG2 1 
ATOM   222 C CG2 B ILE A 1 26 ? -3.566  -0.956  3.758   0.50  27.46 ? 26   ILE A CG2 1 
ATOM   223 C CD1 A ILE A 1 26 ? -3.061  1.208   1.734   0.50  27.06 ? 26   ILE A CD1 1 
ATOM   224 C CD1 B ILE A 1 26 ? -4.982  1.147   2.019   0.50  28.02 ? 26   ILE A CD1 1 
ATOM   225 N N   . ARG A 1 27 ? -5.417  -1.092  6.724   1.00  25.64 ? 27   ARG A N   1 
ATOM   226 C CA  . ARG A 1 27 ? -5.307  -1.643  8.090   1.00  26.45 ? 27   ARG A CA  1 
ATOM   227 C C   . ARG A 1 27 ? -4.309  -2.780  8.226   1.00  25.69 ? 27   ARG A C   1 
ATOM   228 O O   . ARG A 1 27 ? -4.121  -3.570  7.283   1.00  28.32 ? 27   ARG A O   1 
ATOM   229 C CB  . ARG A 1 27 ? -6.687  -2.122  8.540   1.00  25.82 ? 27   ARG A CB  1 
ATOM   230 C CG  . ARG A 1 27 ? -7.761  -1.222  7.907   1.00  32.48 ? 27   ARG A CG  1 
ATOM   231 C CD  . ARG A 1 27 ? -8.979  -0.945  8.674   1.00  42.06 ? 27   ARG A CD  1 
ATOM   232 N NE  . ARG A 1 27 ? -9.755  -2.101  9.050   1.00  39.39 ? 27   ARG A NE  1 
ATOM   233 C CZ  . ARG A 1 27 ? -11.071 -2.063  9.273   1.00  34.26 ? 27   ARG A CZ  1 
ATOM   234 N NH1 . ARG A 1 27 ? -11.681 -3.157  9.669   1.00  32.55 ? 27   ARG A NH1 1 
ATOM   235 N NH2 . ARG A 1 27 ? -11.769 -0.946  9.070   1.00  34.12 ? 27   ARG A NH2 1 
ATOM   236 N N   . ASN A 1 28 ? -3.673  -2.866  9.399   1.00  26.69 ? 28   ASN A N   1 
ATOM   237 C CA  . ASN A 1 28 ? -2.890  -4.036  9.780   1.00  26.36 ? 28   ASN A CA  1 
ATOM   238 C C   . ASN A 1 28 ? -1.756  -4.256  8.788   1.00  28.20 ? 28   ASN A C   1 
ATOM   239 O O   . ASN A 1 28 ? -1.659  -5.306  8.159   1.00  27.26 ? 28   ASN A O   1 
ATOM   240 C CB  . ASN A 1 28 ? -3.817  -5.271  9.875   1.00  28.18 ? 28   ASN A CB  1 
ATOM   241 C CG  . ASN A 1 28 ? -3.124  -6.507  10.432  1.00  27.95 ? 28   ASN A CG  1 
ATOM   242 O OD1 . ASN A 1 28 ? -2.119  -6.417  11.121  1.00  30.59 ? 28   ASN A OD1 1 
ATOM   243 N ND2 . ASN A 1 28 ? -3.694  -7.670  10.154  1.00  32.03 ? 28   ASN A ND2 1 
ATOM   244 N N   . VAL A 1 29 ? -0.916  -3.229  8.683   1.00  25.53 ? 29   VAL A N   1 
ATOM   245 C CA  . VAL A 1 29 ? 0.115   -3.135  7.644   1.00  25.86 ? 29   VAL A CA  1 
ATOM   246 C C   . VAL A 1 29 ? 1.403   -3.753  8.145   1.00  27.59 ? 29   VAL A C   1 
ATOM   247 O O   . VAL A 1 29 ? 1.832   -3.529  9.306   1.00  27.86 ? 29   VAL A O   1 
ATOM   248 C CB  . VAL A 1 29 ? 0.313   -1.672  7.227   1.00  26.28 ? 29   VAL A CB  1 
ATOM   249 C CG1 . VAL A 1 29 ? 1.486   -1.541  6.220   1.00  27.53 ? 29   VAL A CG1 1 
ATOM   250 C CG2 . VAL A 1 29 ? -0.997  -1.135  6.632   1.00  29.04 ? 29   VAL A CG2 1 
ATOM   251 N N   . LYS A 1 30 ? 2.017   -4.522  7.247   1.00  27.95 ? 30   LYS A N   1 
ATOM   252 C CA  . LYS A 1 30 ? 3.258   -5.217  7.500   1.00  29.79 ? 30   LYS A CA  1 
ATOM   253 C C   . LYS A 1 30 ? 4.280   -4.774  6.484   1.00  30.21 ? 30   LYS A C   1 
ATOM   254 O O   . LYS A 1 30 ? 3.981   -4.662  5.300   1.00  28.23 ? 30   LYS A O   1 
ATOM   255 C CB  . LYS A 1 30 ? 3.056   -6.728  7.393   1.00  31.47 ? 30   LYS A CB  1 
ATOM   256 C CG  . LYS A 1 30 ? 2.316   -7.345  8.591   1.00  37.53 ? 30   LYS A CG  1 
ATOM   257 C CD  . LYS A 1 30 ? 0.810   -7.386  8.410   0.010 35.90 ? 30   LYS A CD  1 
ATOM   258 C CE  . LYS A 1 30 ? 0.146   -8.271  9.455   0.010 36.16 ? 30   LYS A CE  1 
ATOM   259 N NZ  . LYS A 1 30 ? 0.302   -7.741  10.841  0.010 36.03 ? 30   LYS A NZ  1 
ATOM   260 N N   . LYS A 1 31 ? 5.495   -4.527  6.956   1.00  29.21 ? 31   LYS A N   1 
ATOM   261 C CA  . LYS A 1 31 ? 6.555   -4.110  6.061   1.00  32.07 ? 31   LYS A CA  1 
ATOM   262 C C   . LYS A 1 31 ? 7.178   -5.378  5.501   1.00  35.12 ? 31   LYS A C   1 
ATOM   263 O O   . LYS A 1 31 ? 7.541   -6.304  6.243   1.00  36.08 ? 31   LYS A O   1 
ATOM   264 C CB  . LYS A 1 31 ? 7.586   -3.234  6.792   1.00  32.80 ? 31   LYS A CB  1 
ATOM   265 C CG  . LYS A 1 31 ? 8.855   -2.940  5.997   0.010 32.44 ? 31   LYS A CG  1 
ATOM   266 C CD  . LYS A 1 31 ? 9.466   -1.594  6.361   0.010 32.54 ? 31   LYS A CD  1 
ATOM   267 C CE  . LYS A 1 31 ? 8.823   -0.457  5.578   0.010 32.48 ? 31   LYS A CE  1 
ATOM   268 N NZ  . LYS A 1 31 ? 9.483   0.852   5.832   0.010 32.69 ? 31   LYS A NZ  1 
ATOM   269 N N   . LEU A 1 32 ? 7.287   -5.403  4.179   1.00  36.82 ? 32   LEU A N   1 
ATOM   270 C CA  . LEU A 1 32 ? 7.789   -6.566  3.458   1.00  37.31 ? 32   LEU A CA  1 
ATOM   271 C C   . LEU A 1 32 ? 9.292   -6.555  3.241   1.00  37.12 ? 32   LEU A C   1 
ATOM   272 O O   . LEU A 1 32 ? 9.938   -5.495  3.215   1.00  38.93 ? 32   LEU A O   1 
ATOM   273 C CB  . LEU A 1 32 ? 7.087   -6.661  2.104   1.00  37.22 ? 32   LEU A CB  1 
ATOM   274 C CG  . LEU A 1 32 ? 5.578   -6.912  2.164   1.00  37.86 ? 32   LEU A CG  1 
ATOM   275 C CD1 . LEU A 1 32 ? 5.084   -6.745  0.746   1.00  40.86 ? 32   LEU A CD1 1 
ATOM   276 C CD2 . LEU A 1 32 ? 5.214   -8.289  2.734   1.00  38.96 ? 32   LEU A CD2 1 
ATOM   277 N N   . GLN A 1 33 ? 9.835   -7.749  3.053   1.00  36.17 ? 33   GLN A N   1 
ATOM   278 C CA  . GLN A 1 33 ? 11.235  -7.910  2.673   1.00  38.08 ? 33   GLN A CA  1 
ATOM   279 C C   . GLN A 1 33 ? 11.508  -7.092  1.416   1.00  35.37 ? 33   GLN A C   1 
ATOM   280 O O   . GLN A 1 33 ? 12.551  -6.436  1.288   1.00  36.81 ? 33   GLN A O   1 
ATOM   281 C CB  . GLN A 1 33 ? 11.551  -9.391  2.429   1.00  38.81 ? 33   GLN A CB  1 
ATOM   282 C CG  . GLN A 1 33 ? 11.968  -10.175 3.670   1.00  43.30 ? 33   GLN A CG  1 
ATOM   283 C CD  . GLN A 1 33 ? 13.447  -10.516 3.662   1.00  45.54 ? 33   GLN A CD  1 
ATOM   284 O OE1 . GLN A 1 33 ? 14.212  -9.982  2.857   1.00  50.00 ? 33   GLN A OE1 1 
ATOM   285 N NE2 . GLN A 1 33 ? 13.858  -11.407 4.553   1.00  43.92 ? 33   GLN A NE2 1 
ATOM   286 N N   . GLU A 1 34 ? 10.550  -7.116  0.497   1.00  35.73 ? 34   GLU A N   1 
ATOM   287 C CA  . GLU A 1 34 ? 10.674  -6.387  -0.748  1.00  33.46 ? 34   GLU A CA  1 
ATOM   288 C C   . GLU A 1 34 ? 10.730  -4.878  -0.482  1.00  30.55 ? 34   GLU A C   1 
ATOM   289 O O   . GLU A 1 34 ? 9.718   -4.282  -0.119  1.00  28.26 ? 34   GLU A O   1 
ATOM   290 C CB  . GLU A 1 34 ? 9.492   -6.749  -1.640  1.00  36.99 ? 34   GLU A CB  1 
ATOM   291 C CG  . GLU A 1 34 ? 9.582   -6.162  -3.014  1.00  42.47 ? 34   GLU A CG  1 
ATOM   292 C CD  . GLU A 1 34 ? 8.550   -6.726  -3.969  1.00  46.55 ? 34   GLU A CD  1 
ATOM   293 O OE1 . GLU A 1 34 ? 7.709   -7.560  -3.568  1.00  49.45 ? 34   GLU A OE1 1 
ATOM   294 O OE2 . GLU A 1 34 ? 8.589   -6.326  -5.140  1.00  48.93 ? 34   GLU A OE2 1 
ATOM   295 N N   . GLU A 1 35 ? 11.908  -4.261  -0.651  1.00  27.56 ? 35   GLU A N   1 
ATOM   296 C CA  A GLU A 1 35 ? 12.029  -2.849  -0.323  0.50  26.36 ? 35   GLU A CA  1 
ATOM   297 C CA  B GLU A 1 35 ? 12.068  -2.833  -0.351  0.50  26.86 ? 35   GLU A CA  1 
ATOM   298 C C   . GLU A 1 35 ? 11.055  -1.975  -1.094  1.00  26.18 ? 35   GLU A C   1 
ATOM   299 O O   . GLU A 1 35 ? 10.865  -2.138  -2.323  1.00  25.03 ? 35   GLU A O   1 
ATOM   300 C CB  A GLU A 1 35 ? 13.458  -2.348  -0.526  0.50  24.41 ? 35   GLU A CB  1 
ATOM   301 C CB  B GLU A 1 35 ? 13.473  -2.317  -0.716  0.50  25.62 ? 35   GLU A CB  1 
ATOM   302 C CG  A GLU A 1 35 ? 14.316  -2.437  0.719   0.50  22.91 ? 35   GLU A CG  1 
ATOM   303 C CG  B GLU A 1 35 ? 14.572  -3.358  -0.838  0.50  25.48 ? 35   GLU A CG  1 
ATOM   304 C CD  A GLU A 1 35 ? 15.532  -1.534  0.629   0.50  21.63 ? 35   GLU A CD  1 
ATOM   305 C CD  B GLU A 1 35 ? 15.900  -2.745  -1.257  0.50  26.37 ? 35   GLU A CD  1 
ATOM   306 O OE1 A GLU A 1 35 ? 16.351  -1.523  1.569   0.50  22.41 ? 35   GLU A OE1 1 
ATOM   307 O OE1 B GLU A 1 35 ? 16.235  -1.633  -0.786  0.50  22.51 ? 35   GLU A OE1 1 
ATOM   308 O OE2 A GLU A 1 35 ? 15.661  -0.823  -0.387  0.50  18.77 ? 35   GLU A OE2 1 
ATOM   309 O OE2 B GLU A 1 35 ? 16.606  -3.384  -2.061  0.50  26.60 ? 35   GLU A OE2 1 
ATOM   310 N N   . GLY A 1 36 ? 10.449  -1.034  -0.379  1.00  24.82 ? 36   GLY A N   1 
ATOM   311 C CA  . GLY A 1 36 ? 9.530   -0.076  -0.976  1.00  23.94 ? 36   GLY A CA  1 
ATOM   312 C C   . GLY A 1 36 ? 8.069   -0.489  -0.962  1.00  24.92 ? 36   GLY A C   1 
ATOM   313 O O   . GLY A 1 36 ? 7.215   0.285   -1.381  1.00  26.96 ? 36   GLY A O   1 
ATOM   314 N N   . TRP A 1 37 ? 7.803   -1.706  -0.487  1.00  25.40 ? 37   TRP A N   1 
ATOM   315 C CA  . TRP A 1 37 ? 6.445   -2.305  -0.514  1.00  25.03 ? 37   TRP A CA  1 
ATOM   316 C C   . TRP A 1 37 ? 5.939   -2.706  0.876   1.00  24.92 ? 37   TRP A C   1 
ATOM   317 O O   . TRP A 1 37 ? 6.738   -3.077  1.750   1.00  26.91 ? 37   TRP A O   1 
ATOM   318 C CB  . TRP A 1 37 ? 6.469   -3.508  -1.470  1.00  26.76 ? 37   TRP A CB  1 
ATOM   319 C CG  . TRP A 1 37 ? 6.551   -3.005  -2.895  1.00  25.70 ? 37   TRP A CG  1 
ATOM   320 C CD1 . TRP A 1 37 ? 7.696   -2.662  -3.600  1.00  26.27 ? 37   TRP A CD1 1 
ATOM   321 C CD2 . TRP A 1 37 ? 5.453   -2.724  -3.755  1.00  24.16 ? 37   TRP A CD2 1 
ATOM   322 N NE1 . TRP A 1 37 ? 7.349   -2.184  -4.846  1.00  25.68 ? 37   TRP A NE1 1 
ATOM   323 C CE2 . TRP A 1 37 ? 5.981   -2.225  -4.971  1.00  27.16 ? 37   TRP A CE2 1 
ATOM   324 C CE3 . TRP A 1 37 ? 4.068   -2.845  -3.616  1.00  27.10 ? 37   TRP A CE3 1 
ATOM   325 C CZ2 . TRP A 1 37 ? 5.173   -1.860  -6.039  1.00  27.45 ? 37   TRP A CZ2 1 
ATOM   326 C CZ3 . TRP A 1 37 ? 3.260   -2.491  -4.694  1.00  27.60 ? 37   TRP A CZ3 1 
ATOM   327 C CH2 . TRP A 1 37 ? 3.819   -2.000  -5.887  1.00  26.59 ? 37   TRP A CH2 1 
ATOM   328 N N   . LEU A 1 38 ? 4.621   -2.600  1.064   1.00  25.53 ? 38   LEU A N   1 
ATOM   329 C CA  . LEU A 1 38 ? 3.933   -2.976  2.286   1.00  26.31 ? 38   LEU A CA  1 
ATOM   330 C C   . LEU A 1 38 ? 2.792   -3.879  1.908   1.00  27.03 ? 38   LEU A C   1 
ATOM   331 O O   . LEU A 1 38 ? 2.400   -3.911  0.739   1.00  26.97 ? 38   LEU A O   1 
ATOM   332 C CB  . LEU A 1 38 ? 3.354   -1.725  2.940   1.00  28.52 ? 38   LEU A CB  1 
ATOM   333 C CG  . LEU A 1 38 ? 4.375   -0.630  3.274   1.00  30.83 ? 38   LEU A CG  1 
ATOM   334 C CD1 . LEU A 1 38 ? 3.610   0.635   3.676   1.00  35.60 ? 38   LEU A CD1 1 
ATOM   335 C CD2 . LEU A 1 38 ? 5.305   -1.025  4.354   1.00  32.41 ? 38   LEU A CD2 1 
ATOM   336 N N   . GLU A 1 39 ? 2.246   -4.612  2.890   1.00  26.71 ? 39   GLU A N   1 
ATOM   337 C CA  . GLU A 1 39 ? 1.061   -5.458  2.685   1.00  26.70 ? 39   GLU A CA  1 
ATOM   338 C C   . GLU A 1 39 ? 0.054   -5.041  3.755   1.00  27.76 ? 39   GLU A C   1 
ATOM   339 O O   . GLU A 1 39 ? 0.442   -4.753  4.880   1.00  28.86 ? 39   GLU A O   1 
ATOM   340 C CB  . GLU A 1 39 ? 1.409   -6.948  2.830   1.00  28.15 ? 39   GLU A CB  1 
ATOM   341 C CG  . GLU A 1 39 ? 0.209   -7.886  2.559   1.00  30.32 ? 39   GLU A CG  1 
ATOM   342 C CD  . GLU A 1 39 ? 0.571   -9.360  2.645   0.010 28.29 ? 39   GLU A CD  1 
ATOM   343 O OE1 . GLU A 1 39 ? 1.363   -9.738  3.535   0.010 28.84 ? 39   GLU A OE1 1 
ATOM   344 O OE2 . GLU A 1 39 ? 0.052   -10.145 1.823   0.010 28.70 ? 39   GLU A OE2 1 
ATOM   345 N N   . GLY A 1 40 ? -1.210  -4.927  3.374   1.00  25.29 ? 40   GLY A N   1 
ATOM   346 C CA  . GLY A 1 40 ? -2.235  -4.461  4.308   1.00  25.73 ? 40   GLY A CA  1 
ATOM   347 C C   . GLY A 1 40 ? -3.606  -4.695  3.742   1.00  27.02 ? 40   GLY A C   1 
ATOM   348 O O   . GLY A 1 40 ? -3.739  -5.138  2.600   1.00  28.20 ? 40   GLY A O   1 
ATOM   349 N N   . GLU A 1 41 ? -4.619  -4.361  4.547   1.00  25.89 ? 41   GLU A N   1 
ATOM   350 C CA  A GLU A 1 41 ? -6.011  -4.689  4.230   0.60  26.55 ? 41   GLU A CA  1 
ATOM   351 C CA  B GLU A 1 41 ? -6.002  -4.679  4.203   0.40  25.85 ? 41   GLU A CA  1 
ATOM   352 C C   . GLU A 1 41 ? -6.792  -3.438  3.847   1.00  27.82 ? 41   GLU A C   1 
ATOM   353 O O   . GLU A 1 41 ? -6.781  -2.446  4.590   1.00  26.69 ? 41   GLU A O   1 
ATOM   354 C CB  A GLU A 1 41 ? -6.685  -5.372  5.445   0.60  26.81 ? 41   GLU A CB  1 
ATOM   355 C CB  B GLU A 1 41 ? -6.689  -5.398  5.371   0.40  26.17 ? 41   GLU A CB  1 
ATOM   356 C CG  A GLU A 1 41 ? -8.128  -5.816  5.214   0.60  29.13 ? 41   GLU A CG  1 
ATOM   357 C CG  B GLU A 1 41 ? -5.845  -6.501  5.943   0.40  25.62 ? 41   GLU A CG  1 
ATOM   358 C CD  A GLU A 1 41 ? -8.836  -6.259  6.495   0.60  28.67 ? 41   GLU A CD  1 
ATOM   359 C CD  B GLU A 1 41 ? -6.489  -7.233  7.095   0.40  27.66 ? 41   GLU A CD  1 
ATOM   360 O OE1 A GLU A 1 41 ? -8.901  -7.475  6.744   0.60  32.38 ? 41   GLU A OE1 1 
ATOM   361 O OE1 B GLU A 1 41 ? -7.727  -7.168  7.220   0.40  27.23 ? 41   GLU A OE1 1 
ATOM   362 O OE2 A GLU A 1 41 ? -9.316  -5.387  7.243   0.60  32.69 ? 41   GLU A OE2 1 
ATOM   363 O OE2 B GLU A 1 41 ? -5.745  -7.904  7.844   0.40  29.84 ? 41   GLU A OE2 1 
ATOM   364 N N   . LEU A 1 42 ? -7.494  -3.498  2.712   1.00  26.43 ? 42   LEU A N   1 
ATOM   365 C CA  . LEU A 1 42 ? -8.354  -2.367  2.300   1.00  28.90 ? 42   LEU A CA  1 
ATOM   366 C C   . LEU A 1 42 ? -9.638  -2.927  1.715   1.00  32.21 ? 42   LEU A C   1 
ATOM   367 O O   . LEU A 1 42 ? -9.605  -3.736  0.792   1.00  33.47 ? 42   LEU A O   1 
ATOM   368 C CB  . LEU A 1 42 ? -7.638  -1.491  1.266   1.00  29.12 ? 42   LEU A CB  1 
ATOM   369 C CG  . LEU A 1 42 ? -8.493  -0.358  0.658   1.00  30.26 ? 42   LEU A CG  1 
ATOM   370 C CD1 . LEU A 1 42 ? -8.919  0.664   1.731   1.00  32.69 ? 42   LEU A CD1 1 
ATOM   371 C CD2 . LEU A 1 42 ? -7.730  0.292   -0.476  1.00  31.73 ? 42   LEU A CD2 1 
ATOM   372 N N   . ASN A 1 43 ? -10.768 -2.464  2.244   1.00  33.94 ? 43   ASN A N   1 
ATOM   373 C CA  . ASN A 1 43 ? -12.070 -2.960  1.806   1.00  37.61 ? 43   ASN A CA  1 
ATOM   374 C C   . ASN A 1 43 ? -12.106 -4.477  2.043   1.00  36.77 ? 43   ASN A C   1 
ATOM   375 O O   . ASN A 1 43 ? -12.534 -5.219  1.172   1.00  36.93 ? 43   ASN A O   1 
ATOM   376 C CB  . ASN A 1 43 ? -12.307 -2.678  0.299   1.00  38.56 ? 43   ASN A CB  1 
ATOM   377 C CG  . ASN A 1 43 ? -12.053 -1.216  -0.113  1.00  46.41 ? 43   ASN A CG  1 
ATOM   378 O OD1 . ASN A 1 43 ? -12.342 -0.270  0.634   1.00  47.61 ? 43   ASN A OD1 1 
ATOM   379 N ND2 . ASN A 1 43 ? -11.530 -1.033  -1.339  1.00  47.93 ? 43   ASN A ND2 1 
ATOM   380 N N   . GLY A 1 44 ? -11.575 -4.930  3.188   1.00  36.54 ? 44   GLY A N   1 
ATOM   381 C CA  . GLY A 1 44 ? -11.553 -6.363  3.534   1.00  36.32 ? 44   GLY A CA  1 
ATOM   382 C C   . GLY A 1 44 ? -10.662 -7.289  2.706   1.00  37.02 ? 44   GLY A C   1 
ATOM   383 O O   . GLY A 1 44 ? -10.766 -8.516  2.820   1.00  38.25 ? 44   GLY A O   1 
ATOM   384 N N   . ARG A 1 45 ? -9.797  -6.721  1.868   1.00  34.96 ? 45   ARG A N   1 
ATOM   385 C CA  . ARG A 1 45 ? -8.906  -7.520  1.015   1.00  35.13 ? 45   ARG A CA  1 
ATOM   386 C C   . ARG A 1 45 ? -7.468  -7.171  1.326   1.00  31.79 ? 45   ARG A C   1 
ATOM   387 O O   . ARG A 1 45 ? -7.162  -6.006  1.445   1.00  30.90 ? 45   ARG A O   1 
ATOM   388 C CB  . ARG A 1 45 ? -9.164  -7.235  -0.467  1.00  35.93 ? 45   ARG A CB  1 
ATOM   389 C CG  . ARG A 1 45 ? -8.149  -7.897  -1.403  1.00  40.78 ? 45   ARG A CG  1 
ATOM   390 C CD  . ARG A 1 45 ? -8.571  -7.896  -2.883  1.00  42.71 ? 45   ARG A CD  1 
ATOM   391 N NE  . ARG A 1 45 ? -8.027  -6.770  -3.652  1.00  47.61 ? 45   ARG A NE  1 
ATOM   392 C CZ  . ARG A 1 45 ? -6.800  -6.708  -4.185  1.00  48.95 ? 45   ARG A CZ  1 
ATOM   393 N NH1 . ARG A 1 45 ? -5.927  -7.698  -4.042  1.00  49.80 ? 45   ARG A NH1 1 
ATOM   394 N NH2 . ARG A 1 45 ? -6.437  -5.631  -4.869  1.00  47.70 ? 45   ARG A NH2 1 
ATOM   395 N N   . ARG A 1 46 ? -6.590  -8.169  1.444   1.00  31.50 ? 46   ARG A N   1 
ATOM   396 C CA  . ARG A 1 46 ? -5.166  -7.887  1.700   1.00  30.55 ? 46   ARG A CA  1 
ATOM   397 C C   . ARG A 1 46 ? -4.377  -7.880  0.395   1.00  29.40 ? 46   ARG A C   1 
ATOM   398 O O   . ARG A 1 46 ? -4.539  -8.767  -0.438  1.00  30.10 ? 46   ARG A O   1 
ATOM   399 C CB  . ARG A 1 46 ? -4.549  -8.932  2.643   1.00  33.23 ? 46   ARG A CB  1 
ATOM   400 C CG  . ARG A 1 46 ? -5.006  -8.828  4.098   1.00  37.82 ? 46   ARG A CG  1 
ATOM   401 C CD  . ARG A 1 46 ? -4.088  -9.613  5.079   1.00  37.84 ? 46   ARG A CD  1 
ATOM   402 N NE  . ARG A 1 46 ? -2.691  -9.141  5.089   1.00  40.82 ? 46   ARG A NE  1 
ATOM   403 C CZ  . ARG A 1 46 ? -2.216  -8.148  5.853   1.00  41.86 ? 46   ARG A CZ  1 
ATOM   404 N NH1 . ARG A 1 46 ? -3.000  -7.481  6.683   1.00  38.41 ? 46   ARG A NH1 1 
ATOM   405 N NH2 . ARG A 1 46 ? -0.935  -7.808  5.770   1.00  46.34 ? 46   ARG A NH2 1 
ATOM   406 N N   . GLY A 1 47 ? -3.458  -6.924  0.257   1.00  27.84 ? 47   GLY A N   1 
ATOM   407 C CA  . GLY A 1 47 ? -2.631  -6.845  -0.933  1.00  25.77 ? 47   GLY A CA  1 
ATOM   408 C C   . GLY A 1 47 ? -1.436  -5.947  -0.714  1.00  25.55 ? 47   GLY A C   1 
ATOM   409 O O   . GLY A 1 47 ? -1.313  -5.330  0.347   1.00  26.89 ? 47   GLY A O   1 
ATOM   410 N N   . MET A 1 48 ? -0.601  -5.834  -1.756  1.00  26.35 ? 48   MET A N   1 
ATOM   411 C CA  A MET A 1 48 ? 0.658   -5.094  -1.677  0.75  26.77 ? 48   MET A CA  1 
ATOM   412 C CA  B MET A 1 48 ? 0.670   -5.104  -1.718  0.25  25.92 ? 48   MET A CA  1 
ATOM   413 C C   . MET A 1 48 ? 0.485   -3.679  -2.204  1.00  27.09 ? 48   MET A C   1 
ATOM   414 O O   . MET A 1 48 ? -0.285  -3.440  -3.139  1.00  26.58 ? 48   MET A O   1 
ATOM   415 C CB  A MET A 1 48 ? 1.735   -5.803  -2.500  0.75  27.74 ? 48   MET A CB  1 
ATOM   416 C CB  B MET A 1 48 ? 1.702   -5.785  -2.629  0.25  26.49 ? 48   MET A CB  1 
ATOM   417 C CG  A MET A 1 48 ? 2.035   -7.187  -2.000  0.75  29.46 ? 48   MET A CG  1 
ATOM   418 C CG  B MET A 1 48 ? 1.934   -7.242  -2.327  0.25  26.93 ? 48   MET A CG  1 
ATOM   419 S SD  A MET A 1 48 ? 3.278   -7.941  -3.045  0.75  33.86 ? 48   MET A SD  1 
ATOM   420 S SD  B MET A 1 48 ? 2.653   -7.466  -0.703  0.25  28.15 ? 48   MET A SD  1 
ATOM   421 C CE  A MET A 1 48 ? 4.533   -6.674  -2.939  0.75  31.86 ? 48   MET A CE  1 
ATOM   422 C CE  B MET A 1 48 ? 2.551   -9.247  -0.537  0.010 27.30 ? 48   MET A CE  1 
ATOM   423 N N   . PHE A 1 49 ? 1.195   -2.735  -1.593  1.00  25.01 ? 49   PHE A N   1 
ATOM   424 C CA  . PHE A 1 49 ? 1.127   -1.357  -2.049  1.00  25.67 ? 49   PHE A CA  1 
ATOM   425 C C   . PHE A 1 49 ? 2.431   -0.620  -1.734  1.00  26.57 ? 49   PHE A C   1 
ATOM   426 O O   . PHE A 1 49 ? 3.149   -0.998  -0.808  1.00  26.47 ? 49   PHE A O   1 
ATOM   427 C CB  . PHE A 1 49 ? -0.094  -0.630  -1.429  1.00  26.99 ? 49   PHE A CB  1 
ATOM   428 C CG  . PHE A 1 49 ? -0.056  -0.578  0.073   1.00  26.58 ? 49   PHE A CG  1 
ATOM   429 C CD1 . PHE A 1 49 ? 0.364   0.576   0.716   1.00  27.18 ? 49   PHE A CD1 1 
ATOM   430 C CD2 . PHE A 1 49 ? -0.507  -1.658  0.832   1.00  27.76 ? 49   PHE A CD2 1 
ATOM   431 C CE1 . PHE A 1 49 ? 0.418   0.643   2.120   1.00  26.71 ? 49   PHE A CE1 1 
ATOM   432 C CE2 . PHE A 1 49 ? -0.484  -1.606  2.231   1.00  28.10 ? 49   PHE A CE2 1 
ATOM   433 C CZ  . PHE A 1 49 ? -0.009  -0.454  2.872   1.00  28.29 ? 49   PHE A CZ  1 
ATOM   434 N N   . PRO A 1 50 ? 2.747   0.420   -2.514  1.00  27.31 ? 50   PRO A N   1 
ATOM   435 C CA  . PRO A 1 50 ? 4.057   1.089   -2.322  1.00  23.68 ? 50   PRO A CA  1 
ATOM   436 C C   . PRO A 1 50 ? 4.154   1.987   -1.107  1.00  25.69 ? 50   PRO A C   1 
ATOM   437 O O   . PRO A 1 50 ? 3.205   2.731   -0.816  1.00  26.28 ? 50   PRO A O   1 
ATOM   438 C CB  . PRO A 1 50 ? 4.217   1.915   -3.602  1.00  27.31 ? 50   PRO A CB  1 
ATOM   439 C CG  . PRO A 1 50 ? 2.793   2.085   -4.144  1.00  25.23 ? 50   PRO A CG  1 
ATOM   440 C CD  . PRO A 1 50 ? 1.981   0.949   -3.672  1.00  26.21 ? 50   PRO A CD  1 
ATOM   441 N N   . ASP A 1 51 ? 5.287   1.942   -0.421  1.00  24.78 ? 51   ASP A N   1 
ATOM   442 C CA  . ASP A 1 51 ? 5.395   2.631   0.883   1.00  27.36 ? 51   ASP A CA  1 
ATOM   443 C C   . ASP A 1 51 ? 5.489   4.158   0.786   1.00  28.43 ? 51   ASP A C   1 
ATOM   444 O O   . ASP A 1 51 ? 5.318   4.860   1.795   1.00  31.03 ? 51   ASP A O   1 
ATOM   445 C CB  . ASP A 1 51 ? 6.492   2.040   1.795   1.00  28.15 ? 51   ASP A CB  1 
ATOM   446 C CG  . ASP A 1 51 ? 7.892   2.221   1.276   1.00  31.37 ? 51   ASP A CG  1 
ATOM   447 O OD1 . ASP A 1 51 ? 8.134   3.042   0.361   1.00  30.70 ? 51   ASP A OD1 1 
ATOM   448 O OD2 . ASP A 1 51 ? 8.777   1.545   1.838   1.00  32.40 ? 51   ASP A OD2 1 
ATOM   449 N N   . ASN A 1 52 ? 5.776   4.659   -0.404  1.00  26.64 ? 52   ASN A N   1 
ATOM   450 C CA  . ASN A 1 52 ? 5.989   6.105   -0.583  1.00  27.51 ? 52   ASN A CA  1 
ATOM   451 C C   . ASN A 1 52 ? 4.729   6.819   -1.080  1.00  28.80 ? 52   ASN A C   1 
ATOM   452 O O   . ASN A 1 52 ? 4.777   8.011   -1.451  1.00  30.53 ? 52   ASN A O   1 
ATOM   453 C CB  . ASN A 1 52 ? 7.219   6.394   -1.460  1.00  28.30 ? 52   ASN A CB  1 
ATOM   454 C CG  . ASN A 1 52 ? 7.116   5.786   -2.853  1.00  29.47 ? 52   ASN A CG  1 
ATOM   455 O OD1 . ASN A 1 52 ? 6.611   4.677   -3.020  1.00  29.42 ? 52   ASN A OD1 1 
ATOM   456 N ND2 . ASN A 1 52 ? 7.634   6.518   -3.871  1.00  29.41 ? 52   ASN A ND2 1 
ATOM   457 N N   . PHE A 1 53 ? 3.613   6.078   -1.088  1.00  26.44 ? 53   PHE A N   1 
ATOM   458 C CA  . PHE A 1 53 ? 2.303   6.641   -1.438  1.00  24.80 ? 53   PHE A CA  1 
ATOM   459 C C   . PHE A 1 53 ? 1.447   6.781   -0.174  1.00  26.84 ? 53   PHE A C   1 
ATOM   460 O O   . PHE A 1 53 ? 0.305   7.213   -0.255  1.00  26.90 ? 53   PHE A O   1 
ATOM   461 C CB  . PHE A 1 53 ? 1.570   5.742   -2.447  1.00  26.11 ? 53   PHE A CB  1 
ATOM   462 C CG  . PHE A 1 53 ? 2.111   5.818   -3.854  1.00  26.13 ? 53   PHE A CG  1 
ATOM   463 C CD1 . PHE A 1 53 ? 3.418   5.407   -4.126  1.00  30.05 ? 53   PHE A CD1 1 
ATOM   464 C CD2 . PHE A 1 53 ? 1.320   6.289   -4.900  1.00  25.10 ? 53   PHE A CD2 1 
ATOM   465 C CE1 . PHE A 1 53 ? 3.927   5.455   -5.424  1.00  28.47 ? 53   PHE A CE1 1 
ATOM   466 C CE2 . PHE A 1 53 ? 1.814   6.333   -6.197  1.00  29.79 ? 53   PHE A CE2 1 
ATOM   467 C CZ  . PHE A 1 53 ? 3.143   5.930   -6.453  1.00  27.91 ? 53   PHE A CZ  1 
ATOM   468 N N   . VAL A 1 54 ? 2.009   6.442   0.990   1.00  27.41 ? 54   VAL A N   1 
ATOM   469 C CA  . VAL A 1 54 ? 1.226   6.335   2.226   1.00  27.25 ? 54   VAL A CA  1 
ATOM   470 C C   . VAL A 1 54 ? 2.040   6.884   3.371   1.00  27.86 ? 54   VAL A C   1 
ATOM   471 O O   . VAL A 1 54 ? 3.284   7.094   3.252   1.00  28.27 ? 54   VAL A O   1 
ATOM   472 C CB  . VAL A 1 54 ? 0.835   4.853   2.541   1.00  26.62 ? 54   VAL A CB  1 
ATOM   473 C CG1 . VAL A 1 54 ? -0.115  4.285   1.448   1.00  27.54 ? 54   VAL A CG1 1 
ATOM   474 C CG2 . VAL A 1 54 ? 2.062   3.985   2.610   1.00  28.31 ? 54   VAL A CG2 1 
ATOM   475 N N   . LYS A 1 55 ? 1.355   7.137   4.485   1.00  26.42 ? 55   LYS A N   1 
ATOM   476 C CA  . LYS A 1 55 ? 2.037   7.558   5.704   1.00  27.36 ? 55   LYS A CA  1 
ATOM   477 C C   . LYS A 1 55 ? 1.548   6.735   6.873   1.00  28.01 ? 55   LYS A C   1 
ATOM   478 O O   . LYS A 1 55 ? 0.347   6.521   7.019   1.00  26.87 ? 55   LYS A O   1 
ATOM   479 C CB  . LYS A 1 55 ? 1.764   9.042   5.969   1.00  28.20 ? 55   LYS A CB  1 
ATOM   480 C CG  . LYS A 1 55 ? 2.417   9.588   7.185   1.00  28.60 ? 55   LYS A CG  1 
ATOM   481 C CD  . LYS A 1 55 ? 2.024   11.027  7.407   1.00  34.74 ? 55   LYS A CD  1 
ATOM   482 C CE  . LYS A 1 55 ? 2.492   11.526  8.773   1.00  39.35 ? 55   LYS A CE  1 
ATOM   483 N NZ  . LYS A 1 55 ? 3.980   11.560  8.830   1.00  42.58 ? 55   LYS A NZ  1 
ATOM   484 N N   . GLU A 1 56 ? 2.481   6.273   7.707   1.00  27.28 ? 56   GLU A N   1 
ATOM   485 C CA  . GLU A 1 56 ? 2.114   5.532   8.910   1.00  28.27 ? 56   GLU A CA  1 
ATOM   486 C C   . GLU A 1 56 ? 1.295   6.414   9.845   1.00  27.98 ? 56   GLU A C   1 
ATOM   487 O O   . GLU A 1 56 ? 1.678   7.566   10.121  1.00  30.48 ? 56   GLU A O   1 
ATOM   488 C CB  . GLU A 1 56 ? 3.377   5.048   9.617   1.00  30.50 ? 56   GLU A CB  1 
ATOM   489 C CG  . GLU A 1 56 ? 3.090   4.257   10.854  1.00  34.46 ? 56   GLU A CG  1 
ATOM   490 C CD  . GLU A 1 56 ? 4.340   3.719   11.542  1.00  40.51 ? 56   GLU A CD  1 
ATOM   491 O OE1 . GLU A 1 56 ? 5.413   3.640   10.913  1.00  44.95 ? 56   GLU A OE1 1 
ATOM   492 O OE2 . GLU A 1 56 ? 4.235   3.360   12.721  1.00  41.17 ? 56   GLU A OE2 1 
ATOM   493 N N   . ILE A 1 57 ? 0.172   5.898   10.339  1.00  28.38 ? 57   ILE A N   1 
ATOM   494 C CA  . ILE A 1 57 ? -0.611  6.632   11.327  1.00  29.80 ? 57   ILE A CA  1 
ATOM   495 C C   . ILE A 1 57 ? -0.021  6.367   12.697  1.00  32.60 ? 57   ILE A C   1 
ATOM   496 O O   . ILE A 1 57 ? 0.003   5.222   13.168  1.00  30.76 ? 57   ILE A O   1 
ATOM   497 C CB  . ILE A 1 57 ? -2.095  6.200   11.328  1.00  31.86 ? 57   ILE A CB  1 
ATOM   498 C CG1 . ILE A 1 57 ? -2.753  6.569   9.994   1.00  33.44 ? 57   ILE A CG1 1 
ATOM   499 C CG2 . ILE A 1 57 ? -2.862  6.796   12.532  1.00  32.09 ? 57   ILE A CG2 1 
ATOM   500 C CD1 . ILE A 1 57 ? -4.021  5.780   9.754   1.00  34.56 ? 57   ILE A CD1 1 
ATOM   501 N N   . LYS A 1 58 ? 0.449   7.439   13.332  1.00  33.58 ? 58   LYS A N   1 
ATOM   502 C CA  . LYS A 1 58 ? 0.970   7.380   14.688  1.00  38.98 ? 58   LYS A CA  1 
ATOM   503 C C   . LYS A 1 58 ? 0.126   8.347   15.499  1.00  39.98 ? 58   LYS A C   1 
ATOM   504 O O   . LYS A 1 58 ? -0.364  8.018   16.575  1.00  41.21 ? 58   LYS A O   1 
ATOM   505 C CB  . LYS A 1 58 ? 2.442   7.803   14.725  1.00  39.58 ? 58   LYS A CB  1 
ATOM   506 C CG  . LYS A 1 58 ? 3.359   7.023   13.795  1.00  44.43 ? 58   LYS A CG  1 
ATOM   507 C CD  . LYS A 1 58 ? 4.822   7.319   14.088  1.00  47.96 ? 58   LYS A CD  1 
ATOM   508 C CE  . LYS A 1 58 ? 5.738   6.405   13.291  1.00  50.08 ? 58   LYS A CE  1 
ATOM   509 N NZ  . LYS A 1 58 ? 6.975   6.054   14.060  1.00  52.47 ? 58   LYS A NZ  1 
ATOM   510 N N   . ARG A 1 59 ? -0.095  9.489   15.062  1.00  42.28 ? 59   ARG A N   1 
ATOM   511 N N   . PRO B 2 4  ? 6.626   -11.380 -11.732 0.50  34.76 ? 905  PRO C N   1 
ATOM   512 C CA  . PRO B 2 4  ? 7.451   -10.288 -12.233 0.50  34.97 ? 905  PRO C CA  1 
ATOM   513 C C   . PRO B 2 4  ? 7.953   -9.366  -11.117 0.50  33.19 ? 905  PRO C C   1 
ATOM   514 O O   . PRO B 2 4  ? 7.285   -9.213  -10.087 0.50  31.49 ? 905  PRO C O   1 
ATOM   515 C CB  . PRO B 2 4  ? 6.491   -9.514  -13.159 0.50  35.60 ? 905  PRO C CB  1 
ATOM   516 C CG  . PRO B 2 4  ? 5.414   -10.479 -13.494 0.50  35.50 ? 905  PRO C CG  1 
ATOM   517 C CD  . PRO B 2 4  ? 5.257   -11.327 -12.273 0.50  35.11 ? 905  PRO C CD  1 
ATOM   518 N N   . PRO B 2 5  ? 9.118   -8.737  -11.324 0.50  31.48 ? 906  PRO C N   1 
ATOM   519 C CA  . PRO B 2 5  ? 9.616   -7.751  -10.372 0.50  30.61 ? 906  PRO C CA  1 
ATOM   520 C C   . PRO B 2 5  ? 8.691   -6.535  -10.327 0.50  28.99 ? 906  PRO C C   1 
ATOM   521 O O   . PRO B 2 5  ? 7.976   -6.264  -11.294 0.50  29.68 ? 906  PRO C O   1 
ATOM   522 C CB  . PRO B 2 5  ? 10.985  -7.358  -10.948 0.50  31.04 ? 906  PRO C CB  1 
ATOM   523 C CG  . PRO B 2 5  ? 10.910  -7.722  -12.391 0.50  26.99 ? 906  PRO C CG  1 
ATOM   524 C CD  . PRO B 2 5  ? 10.017  -8.912  -12.479 0.50  32.71 ? 906  PRO C CD  1 
ATOM   525 N N   . LYS B 2 6  ? 8.688   -5.826  -9.200  0.50  27.77 ? 907  LYS C N   1 
ATOM   526 C CA  . LYS B 2 6  ? 7.934   -4.578  -9.085  0.50  25.18 ? 907  LYS C CA  1 
ATOM   527 C C   . LYS B 2 6  ? 8.930   -3.443  -8.958  0.50  26.31 ? 907  LYS C C   1 
ATOM   528 O O   . LYS B 2 6  ? 9.942   -3.589  -8.266  0.50  26.08 ? 907  LYS C O   1 
ATOM   529 C CB  . LYS B 2 6  ? 7.031   -4.608  -7.846  0.50  26.29 ? 907  LYS C CB  1 
ATOM   530 C CG  . LYS B 2 6  ? 6.087   -5.809  -7.787  0.50  23.91 ? 907  LYS C CG  1 
ATOM   531 C CD  . LYS B 2 6  ? 5.203   -5.755  -6.529  0.50  26.64 ? 907  LYS C CD  1 
ATOM   532 C CE  . LYS B 2 6  ? 4.164   -6.890  -6.494  0.50  26.28 ? 907  LYS C CE  1 
ATOM   533 N NZ  . LYS B 2 6  ? 3.297   -6.908  -7.712  0.50  28.65 ? 907  LYS C NZ  1 
ATOM   534 N N   . PRO B 2 7  ? 8.655   -2.296  -9.603  0.50  25.91 ? 908  PRO C N   1 
ATOM   535 C CA  . PRO B 2 7  ? 9.489   -1.131  -9.358  0.50  25.49 ? 908  PRO C CA  1 
ATOM   536 C C   . PRO B 2 7  ? 9.172   -0.496  -8.008  0.50  26.76 ? 908  PRO C C   1 
ATOM   537 O O   . PRO B 2 7  ? 8.326   -0.999  -7.270  0.50  27.49 ? 908  PRO C O   1 
ATOM   538 C CB  . PRO B 2 7  ? 9.087   -0.169  -10.481 0.50  26.16 ? 908  PRO C CB  1 
ATOM   539 C CG  . PRO B 2 7  ? 7.681   -0.542  -10.823 0.50  26.62 ? 908  PRO C CG  1 
ATOM   540 C CD  . PRO B 2 7  ? 7.573   -2.022  -10.575 0.50  26.07 ? 908  PRO C CD  1 
ATOM   541 N N   . ARG B 2 8  ? 9.858   0.591   -7.690  0.50  26.71 ? 909  ARG C N   1 
ATOM   542 C CA  . ARG B 2 8  ? 9.448   1.450   -6.594  0.50  26.95 ? 909  ARG C CA  1 
ATOM   543 C C   . ARG B 2 8  ? 8.695   2.621   -7.235  0.50  26.84 ? 909  ARG C C   1 
ATOM   544 O O   . ARG B 2 8  ? 9.296   3.630   -7.635  0.50  27.42 ? 909  ARG C O   1 
ATOM   545 C CB  . ARG B 2 8  ? 10.671  1.894   -5.769  0.50  26.26 ? 909  ARG C CB  1 
ATOM   546 C CG  . ARG B 2 8  ? 11.472  0.718   -5.232  0.50  28.18 ? 909  ARG C CG  1 
ATOM   547 C CD  . ARG B 2 8  ? 12.671  1.195   -4.421  0.50  27.70 ? 909  ARG C CD  1 
ATOM   548 N NE  . ARG B 2 8  ? 12.249  1.829   -3.180  0.50  27.24 ? 909  ARG C NE  1 
ATOM   549 C CZ  . ARG B 2 8  ? 12.985  1.886   -2.068  0.50  27.54 ? 909  ARG C CZ  1 
ATOM   550 N NH1 . ARG B 2 8  ? 14.194  1.352   -2.033  0.50  29.80 ? 909  ARG C NH1 1 
ATOM   551 N NH2 . ARG B 2 8  ? 12.493  2.479   -0.981  0.50  22.63 ? 909  ARG C NH2 1 
ATOM   552 N N   . PRO B 2 9  ? 7.365   2.475   -7.397  0.50  26.21 ? 910  PRO C N   1 
ATOM   553 C CA  . PRO B 2 9  ? 6.679   3.486   -8.201  0.50  27.03 ? 910  PRO C CA  1 
ATOM   554 C C   . PRO B 2 9  ? 6.858   4.927   -7.723  0.50  26.85 ? 910  PRO C C   1 
ATOM   555 O O   . PRO B 2 9  ? 7.023   5.188   -6.535  0.50  30.38 ? 910  PRO C O   1 
ATOM   556 C CB  . PRO B 2 9  ? 5.203   3.072   -8.139  0.50  26.50 ? 910  PRO C CB  1 
ATOM   557 C CG  . PRO B 2 9  ? 5.108   2.079   -7.050  0.50  25.70 ? 910  PRO C CG  1 
ATOM   558 C CD  . PRO B 2 9  ? 6.447   1.421   -6.932  0.50  25.35 ? 910  PRO C CD  1 
ATOM   559 N N   . ARG B 2 10 ? 6.837   5.847   -8.673  0.50  26.34 ? 911  ARG C N   1 
ATOM   560 C CA  . ARG B 2 10 ? 7.055   7.251   -8.378  0.50  29.93 ? 911  ARG C CA  1 
ATOM   561 C C   . ARG B 2 10 ? 5.723   8.007   -8.398  0.50  30.89 ? 911  ARG C C   1 
ATOM   562 O O   . ARG B 2 10 ? 4.842   7.712   -9.202  0.50  29.65 ? 911  ARG C O   1 
ATOM   563 C CB  . ARG B 2 10 ? 8.059   7.835   -9.381  0.50  29.67 ? 911  ARG C CB  1 
ATOM   564 C CG  . ARG B 2 10 ? 9.268   6.915   -9.562  0.50  32.89 ? 911  ARG C CG  1 
ATOM   565 C CD  . ARG B 2 10 ? 10.271  7.387   -10.618 0.50  33.12 ? 911  ARG C CD  1 
ATOM   566 N NE  . ARG B 2 10 ? 9.636   7.742   -11.879 0.50  38.73 ? 911  ARG C NE  1 
ATOM   567 C CZ  . ARG B 2 10 ? 9.700   8.950   -12.429 0.50  38.21 ? 911  ARG C CZ  1 
ATOM   568 N NH1 . ARG B 2 10 ? 10.368  9.929   -11.834 0.50  41.01 ? 911  ARG C NH1 1 
ATOM   569 N NH2 . ARG B 2 10 ? 9.088   9.180   -13.573 0.50  39.24 ? 911  ARG C NH2 1 
ATOM   570 N N   . ARG B 2 11 ? 5.557   8.966   -7.499  0.50  32.48 ? 912  ARG C N   1 
ATOM   571 C CA  . ARG B 2 11 ? 4.369   9.799   -7.555  0.50  35.85 ? 912  ARG C CA  1 
ATOM   572 C C   . ARG B 2 11 ? 4.443   10.722  -8.770  0.50  37.81 ? 912  ARG C C   1 
ATOM   573 O O   . ARG B 2 11 ? 3.627   11.633  -8.935  0.50  41.85 ? 912  ARG C O   1 
ATOM   574 C CB  . ARG B 2 11 ? 4.220   10.632  -6.286  0.50  36.83 ? 912  ARG C CB  1 
ATOM   575 C CG  . ARG B 2 11 ? 4.469   9.900   -4.989  0.50  34.16 ? 912  ARG C CG  1 
ATOM   576 C CD  . ARG B 2 11 ? 5.050   10.897  -4.020  0.50  35.82 ? 912  ARG C CD  1 
ATOM   577 N NE  . ARG B 2 11 ? 5.345   10.342  -2.706  0.50  35.35 ? 912  ARG C NE  1 
ATOM   578 C CZ  . ARG B 2 11 ? 5.883   11.038  -1.709  0.50  37.67 ? 912  ARG C CZ  1 
ATOM   579 N NH1 . ARG B 2 11 ? 6.100   10.455  -0.534  0.50  37.14 ? 912  ARG C NH1 1 
ATOM   580 N NH2 . ARG B 2 11 ? 6.200   12.319  -1.877  0.50  38.59 ? 912  ARG C NH2 1 
ATOM   581 O OXT . ARG B 2 11 ? 5.322   10.578  -9.621  0.50  38.58 ? 912  ARG C OXT 1 
HETATM 582 O O   . HOH C 3 .  ? -10.521 -8.701  8.130   1.00  45.24 ? 101  HOH A O   1 
HETATM 583 O O   . HOH C 3 .  ? -6.431  5.486   -12.274 1.00  45.53 ? 102  HOH A O   1 
HETATM 584 O O   . HOH C 3 .  ? 8.994   -2.653  2.830   1.00  44.18 ? 103  HOH A O   1 
HETATM 585 O O   . HOH C 3 .  ? -3.165  3.746   -14.066 1.00  51.07 ? 104  HOH A O   1 
HETATM 586 O O   . HOH C 3 .  ? -9.537  -3.243  -1.749  1.00  42.37 ? 105  HOH A O   1 
HETATM 587 O O   . HOH C 3 .  ? 16.094  -2.970  3.742   1.00  43.64 ? 106  HOH A O   1 
HETATM 588 O O   . HOH C 3 .  ? -10.582 7.345   5.421   1.00  34.96 ? 107  HOH A O   1 
HETATM 589 O O   . HOH C 3 .  ? -9.042  -0.994  -3.548  1.00  47.33 ? 108  HOH A O   1 
HETATM 590 O O   . HOH C 3 .  ? -10.744 -3.885  5.566   1.00  52.44 ? 109  HOH A O   1 
HETATM 591 O O   . HOH C 3 .  ? 0.571   -3.735  11.649  1.00  39.16 ? 110  HOH A O   1 
HETATM 592 O O   . HOH C 3 .  ? -1.649  3.127   13.375  1.00  33.86 ? 111  HOH A O   1 
HETATM 593 O O   . HOH C 3 .  ? 12.102  -3.289  -4.421  0.30  13.27 ? 112  HOH A O   1 
HETATM 594 O O   . HOH C 3 .  ? 6.020   -4.746  9.602   1.00  42.63 ? 113  HOH A O   1 
HETATM 595 O O   . HOH C 3 .  ? 0.163   2.195   -11.351 1.00  36.05 ? 114  HOH A O   1 
HETATM 596 O O   . HOH C 3 .  ? 5.781   5.100   4.457   1.00  32.66 ? 115  HOH A O   1 
HETATM 597 O O   . HOH C 3 .  ? -2.638  -0.587  -13.682 1.00  44.16 ? 116  HOH A O   1 
HETATM 598 O O   . HOH C 3 .  ? 5.485   -0.116  9.717   1.00  46.35 ? 117  HOH A O   1 
HETATM 599 O O   . HOH C 3 .  ? 4.509   -3.379  -9.603  1.00  31.72 ? 118  HOH A O   1 
HETATM 600 O O   . HOH C 3 .  ? 0.179   9.121   -7.451  1.00  40.20 ? 119  HOH A O   1 
HETATM 601 O O   . HOH C 3 .  ? -2.095  10.420  13.392  1.00  37.03 ? 120  HOH A O   1 
HETATM 602 O O   . HOH C 3 .  ? 4.447   9.011   9.840   1.00  50.19 ? 121  HOH A O   1 
HETATM 603 O O   . HOH C 3 .  ? 4.159   -2.276  10.212  1.00  49.69 ? 122  HOH A O   1 
HETATM 604 O O   . HOH C 3 .  ? 6.556   2.653   6.075   1.00  39.66 ? 123  HOH A O   1 
HETATM 605 O O   . HOH C 3 .  ? 8.768   -9.268  0.706   1.00  46.62 ? 124  HOH A O   1 
HETATM 606 O O   . HOH C 3 .  ? -9.856  9.875   -2.852  1.00  38.44 ? 125  HOH A O   1 
HETATM 607 O O   . HOH C 3 .  ? 7.947   2.140   -3.360  1.00  39.53 ? 126  HOH A O   1 
HETATM 608 O O   . HOH C 3 .  ? 4.520   -0.711  -9.563  1.00  28.80 ? 127  HOH A O   1 
HETATM 609 O O   . HOH C 3 .  ? 5.191   6.497   6.899   1.00  39.13 ? 128  HOH A O   1 
HETATM 610 O O   . HOH C 3 .  ? 4.760   8.958   1.694   1.00  51.43 ? 129  HOH A O   1 
HETATM 611 O O   . HOH C 3 .  ? -11.014 9.110   0.687   1.00  51.06 ? 130  HOH A O   1 
HETATM 612 O O   . HOH C 3 .  ? -8.536  1.899   10.779  1.00  37.62 ? 131  HOH A O   1 
HETATM 613 O O   . HOH C 3 .  ? -8.215  10.452  -5.457  1.00  37.73 ? 132  HOH A O   1 
HETATM 614 O O   . HOH C 3 .  ? -0.559  4.491   -10.156 1.00  35.68 ? 133  HOH A O   1 
HETATM 615 O O   . HOH C 3 .  ? -10.675 3.894   4.491   1.00  38.86 ? 134  HOH A O   1 
HETATM 616 O O   . HOH C 3 .  ? -2.698  11.337  -6.025  1.00  31.17 ? 135  HOH A O   1 
HETATM 617 O O   . HOH C 3 .  ? 8.546   9.316   -3.375  1.00  36.60 ? 136  HOH A O   1 
HETATM 618 O O   . HOH C 3 .  ? -7.532  -11.003 1.262   1.00  54.90 ? 137  HOH A O   1 
HETATM 619 O O   . HOH C 3 .  ? 9.121   5.595   1.597   1.00  52.49 ? 138  HOH A O   1 
HETATM 620 O O   . HOH C 3 .  ? -10.332 1.703   8.705   1.00  46.02 ? 139  HOH A O   1 
HETATM 621 O O   . HOH C 3 .  ? -11.112 -1.194  5.069   1.00  44.14 ? 140  HOH A O   1 
HETATM 622 O O   . HOH C 3 .  ? 7.091   -9.672  -1.342  0.50  36.55 ? 141  HOH A O   1 
HETATM 623 O O   . HOH C 3 .  ? -4.934  6.955   -10.416 1.00  57.46 ? 142  HOH A O   1 
HETATM 624 O O   . HOH C 3 .  ? -13.636 -9.371  1.373   1.00  56.11 ? 143  HOH A O   1 
HETATM 625 O O   . HOH C 3 .  ? -14.834 -2.788  0.992   1.00  42.65 ? 144  HOH A O   1 
HETATM 626 O O   . HOH C 3 .  ? -0.507  -10.203 -12.737 1.00  57.27 ? 145  HOH A O   1 
HETATM 627 O O   . HOH C 3 .  ? -12.067 6.600   -1.865  0.50  41.14 ? 146  HOH A O   1 
HETATM 628 O O   . HOH C 3 .  ? -2.234  6.632   -10.240 1.00  47.73 ? 147  HOH A O   1 
HETATM 629 O O   . HOH C 3 .  ? -16.501 -5.153  0.176   0.25  49.66 ? 148  HOH A O   1 
HETATM 630 O O   . HOH C 3 .  ? -12.342 2.558   11.352  0.50  33.86 ? 149  HOH A O   1 
HETATM 631 O O   . HOH C 3 .  ? 4.392   0.619   -11.853 0.50  29.68 ? 150  HOH A O   1 
HETATM 632 O O   . HOH C 3 .  ? 5.242   -10.386 -0.862  0.50  39.26 ? 151  HOH A O   1 
HETATM 633 O O   . HOH C 3 .  ? -11.776 11.746  -2.942  1.00  48.58 ? 152  HOH A O   1 
HETATM 634 O O   . HOH C 3 .  ? -17.131 -1.427  1.810   0.25  37.84 ? 153  HOH A O   1 
HETATM 635 O O   . HOH D 3 .  ? 4.477   6.470   -11.126 1.00  43.84 ? 1001 HOH C O   1 
HETATM 636 O O   . HOH D 3 .  ? 6.503   10.460  -11.699 1.00  48.09 ? 1002 HOH C O   1 
HETATM 637 O O   . HOH D 3 .  ? 10.170  -4.163  -5.907  0.70  36.06 ? 1003 HOH C O   1 
HETATM 638 O O   . HOH D 3 .  ? 10.562  3.534   -2.135  0.50  37.88 ? 1004 HOH C O   1 
HETATM 639 O O   . HOH D 3 .  ? 10.354  -7.332  -7.507  0.50  34.64 ? 1005 HOH C O   1 
HETATM 640 O O   . HOH D 3 .  ? 1.864   8.295   -9.320  1.00  42.36 ? 1006 HOH C O   1 
HETATM 641 O O   . HOH D 3 .  ? 7.917   8.086   1.692   1.00  49.70 ? 1007 HOH C O   1 
# 
